data_8XV7
#
_entry.id   8XV7
#
_cell.length_a   153.548
_cell.length_b   153.548
_cell.length_c   61.311
_cell.angle_alpha   90.00
_cell.angle_beta   90.00
_cell.angle_gamma   120.00
#
_symmetry.space_group_name_H-M   'P 31'
#
loop_
_entity.id
_entity.type
_entity.pdbx_description
1 polymer 'E3 ubiquitin-protein ligase UHRF1'
2 polymer 'Developmental pluripotency-associated protein 3'
3 non-polymer 'ZINC ION'
4 non-polymer GLYCEROL
5 non-polymer 'ACETIC ACID'
6 water water
#
loop_
_entity_poly.entity_id
_entity_poly.type
_entity_poly.pdbx_seq_one_letter_code
_entity_poly.pdbx_strand_id
1 'polypeptide(L)'
;GPLGSLYKVNEYVDARDTNMGAWFEAQVVRVTRKAPSRPALEEDVIYHVKYDDYPENGVVQMNSRDVRARARTIIKWQDL
EVGQVVMLNYNPDNPKERGFWYDAEISRKRETRTARELYANVVLGDDSLNDCRIIFVDEVFKIERPGEGSPMVDNPMRRK
SGPSCKHCKDDVNRLCRVCACHLCGGRQDPDKQLMCDECDMAFHIYCLDPPLSSVPSEDEWYCPECRND
;
A,C,E,G
2 'polypeptide(L)' EDEWLYSRRGVRTLLSVQREKMARLRYMLLGGVRTHERRPTNKEPKG B,D,F,H
#
# COMPACT_ATOMS: atom_id res chain seq x y z
N GLY A 1 -13.46 -17.27 -17.74
CA GLY A 1 -13.70 -16.83 -19.13
C GLY A 1 -12.41 -16.29 -19.77
N PRO A 2 -12.37 -16.13 -21.11
CA PRO A 2 -11.18 -15.59 -21.78
C PRO A 2 -10.84 -14.19 -21.27
N LEU A 3 -9.53 -13.87 -21.22
CA LEU A 3 -9.08 -12.53 -20.87
C LEU A 3 -9.63 -11.51 -21.89
N GLY A 4 -10.27 -10.44 -21.40
CA GLY A 4 -10.72 -9.34 -22.23
C GLY A 4 -10.35 -7.98 -21.64
N SER A 5 -9.05 -7.74 -21.52
CA SER A 5 -8.51 -6.55 -20.87
C SER A 5 -8.93 -5.26 -21.57
N LEU A 6 -9.00 -4.16 -20.82
CA LEU A 6 -9.26 -2.84 -21.38
C LEU A 6 -8.15 -2.40 -22.33
N TYR A 7 -6.89 -2.73 -22.00
CA TYR A 7 -5.75 -2.26 -22.78
C TYR A 7 -5.02 -3.48 -23.34
N LYS A 8 -4.44 -3.30 -24.53
CA LYS A 8 -3.91 -4.41 -25.32
C LYS A 8 -2.41 -4.31 -25.43
N VAL A 9 -1.78 -5.43 -25.81
CA VAL A 9 -0.35 -5.45 -26.04
C VAL A 9 -0.02 -4.39 -27.10
N ASN A 10 1.08 -3.65 -26.83
CA ASN A 10 1.62 -2.61 -27.69
C ASN A 10 0.86 -1.29 -27.55
N GLU A 11 -0.18 -1.24 -26.73
CA GLU A 11 -0.93 0.01 -26.60
C GLU A 11 -0.13 1.02 -25.78
N TYR A 12 -0.24 2.30 -26.12
CA TYR A 12 0.42 3.36 -25.40
C TYR A 12 -0.49 3.80 -24.25
N VAL A 13 0.07 3.78 -23.04
CA VAL A 13 -0.69 4.01 -21.82
C VAL A 13 0.04 5.03 -20.95
N ASP A 14 -0.65 5.46 -19.90
CA ASP A 14 -0.04 6.07 -18.74
C ASP A 14 -0.11 5.07 -17.59
N ALA A 15 0.98 4.99 -16.81
CA ALA A 15 1.09 4.07 -15.68
C ALA A 15 1.46 4.88 -14.44
N ARG A 16 0.73 4.64 -13.34
CA ARG A 16 0.84 5.47 -12.15
C ARG A 16 1.87 4.86 -11.19
N ASP A 17 2.75 5.70 -10.68
CA ASP A 17 3.67 5.37 -9.60
C ASP A 17 2.89 5.47 -8.28
N THR A 18 2.80 4.36 -7.56
CA THR A 18 1.94 4.29 -6.37
C THR A 18 2.63 4.92 -5.16
N ASN A 19 3.95 5.16 -5.27
CA ASN A 19 4.68 5.81 -4.21
C ASN A 19 4.46 7.33 -4.23
N MET A 20 4.53 7.95 -5.41
CA MET A 20 4.53 9.42 -5.44
C MET A 20 3.36 9.96 -6.28
N GLY A 21 2.56 9.10 -6.91
CA GLY A 21 1.26 9.47 -7.45
C GLY A 21 1.23 9.92 -8.92
N ALA A 22 2.41 10.10 -9.52
CA ALA A 22 2.45 10.64 -10.88
C ALA A 22 2.13 9.57 -11.93
N TRP A 23 1.65 10.04 -13.08
CA TRP A 23 1.35 9.21 -14.25
C TRP A 23 2.45 9.36 -15.30
N PHE A 24 3.04 8.22 -15.69
CA PHE A 24 4.18 8.22 -16.60
C PHE A 24 3.85 7.45 -17.88
N GLU A 25 4.40 7.93 -19.00
CA GLU A 25 4.20 7.33 -20.30
C GLU A 25 4.80 5.93 -20.34
N ALA A 26 4.03 4.97 -20.82
CA ALA A 26 4.50 3.59 -20.89
C ALA A 26 3.80 2.86 -22.02
N GLN A 27 4.29 1.65 -22.31
CA GLN A 27 3.71 0.82 -23.35
C GLN A 27 3.47 -0.57 -22.78
N VAL A 28 2.30 -1.14 -23.12
CA VAL A 28 1.95 -2.46 -22.65
C VAL A 28 2.72 -3.52 -23.45
N VAL A 29 3.39 -4.41 -22.72
CA VAL A 29 4.20 -5.47 -23.28
C VAL A 29 3.51 -6.83 -23.11
N ARG A 30 2.72 -7.00 -22.04
CA ARG A 30 1.99 -8.23 -21.79
C ARG A 30 0.81 -7.94 -20.88
N VAL A 31 -0.22 -8.78 -21.00
CA VAL A 31 -1.38 -8.77 -20.14
C VAL A 31 -1.54 -10.18 -19.61
N THR A 32 -1.53 -10.35 -18.29
CA THR A 32 -1.71 -11.65 -17.67
C THR A 32 -2.89 -11.63 -16.70
N ARG A 33 -3.41 -12.83 -16.46
CA ARG A 33 -4.50 -13.11 -15.53
C ARG A 33 -3.97 -13.04 -14.11
N LYS A 34 -4.64 -12.24 -13.26
CA LYS A 34 -4.24 -12.14 -11.88
C LYS A 34 -4.93 -13.24 -11.08
N ALA A 35 -4.15 -13.99 -10.27
CA ALA A 35 -4.68 -14.99 -9.38
C ALA A 35 -5.64 -14.32 -8.41
N PRO A 36 -6.94 -14.70 -8.38
CA PRO A 36 -7.88 -14.09 -7.43
C PRO A 36 -7.41 -14.33 -5.99
N SER A 37 -7.60 -13.34 -5.12
CA SER A 37 -7.17 -13.50 -3.75
C SER A 37 -8.39 -13.38 -2.82
N ARG A 38 -8.26 -14.00 -1.65
CA ARG A 38 -9.30 -14.04 -0.65
C ARG A 38 -9.45 -12.65 -0.02
N PRO A 39 -10.63 -12.32 0.52
CA PRO A 39 -11.80 -13.18 0.47
C PRO A 39 -12.71 -13.10 -0.76
N ALA A 40 -12.64 -11.99 -1.52
CA ALA A 40 -13.64 -11.70 -2.53
C ALA A 40 -13.41 -12.46 -3.84
N LEU A 41 -12.16 -12.82 -4.10
CA LEU A 41 -11.77 -13.65 -5.25
C LEU A 41 -12.16 -12.95 -6.56
N GLU A 42 -12.02 -11.63 -6.61
CA GLU A 42 -12.28 -10.87 -7.82
C GLU A 42 -11.29 -11.24 -8.90
N GLU A 43 -11.80 -11.30 -10.14
CA GLU A 43 -10.98 -11.50 -11.31
C GLU A 43 -10.37 -10.17 -11.73
N ASP A 44 -9.14 -10.21 -12.23
CA ASP A 44 -8.41 -9.00 -12.59
C ASP A 44 -7.26 -9.37 -13.54
N VAL A 45 -6.63 -8.34 -14.08
CA VAL A 45 -5.45 -8.50 -14.93
C VAL A 45 -4.30 -7.70 -14.36
N ILE A 46 -3.11 -8.17 -14.71
CA ILE A 46 -1.86 -7.47 -14.50
C ILE A 46 -1.34 -7.01 -15.86
N TYR A 47 -1.00 -5.71 -15.94
CA TYR A 47 -0.33 -5.13 -17.10
C TYR A 47 1.18 -5.12 -16.89
N HIS A 48 1.91 -5.69 -17.85
CA HIS A 48 3.36 -5.62 -17.87
C HIS A 48 3.74 -4.49 -18.82
N VAL A 49 4.39 -3.43 -18.29
CA VAL A 49 4.65 -2.25 -19.10
C VAL A 49 6.13 -1.90 -19.07
N LYS A 50 6.57 -1.20 -20.11
CA LYS A 50 7.88 -0.58 -20.21
C LYS A 50 7.68 0.93 -20.26
N TYR A 51 8.45 1.65 -19.45
CA TYR A 51 8.32 3.10 -19.31
C TYR A 51 9.25 3.80 -20.31
N ASP A 52 8.71 4.76 -21.07
CA ASP A 52 9.48 5.51 -22.04
C ASP A 52 10.76 6.09 -21.43
N ASP A 53 10.65 6.70 -20.25
CA ASP A 53 11.77 7.50 -19.73
C ASP A 53 12.56 6.76 -18.66
N TYR A 54 12.15 5.52 -18.34
CA TYR A 54 12.80 4.73 -17.31
C TYR A 54 13.04 3.32 -17.84
N PRO A 55 13.73 3.15 -19.00
CA PRO A 55 13.91 1.82 -19.60
C PRO A 55 14.73 0.88 -18.73
N GLU A 56 15.59 1.47 -17.89
CA GLU A 56 16.41 0.72 -16.97
C GLU A 56 15.57 -0.02 -15.93
N ASN A 57 14.29 0.35 -15.78
CA ASN A 57 13.40 -0.33 -14.85
C ASN A 57 12.86 -1.62 -15.47
N GLY A 58 13.09 -1.82 -16.77
CA GLY A 58 12.71 -3.05 -17.44
C GLY A 58 11.19 -3.14 -17.57
N VAL A 59 10.68 -4.37 -17.61
CA VAL A 59 9.25 -4.62 -17.69
C VAL A 59 8.70 -4.64 -16.27
N VAL A 60 7.68 -3.82 -16.03
CA VAL A 60 7.15 -3.60 -14.69
C VAL A 60 5.70 -4.06 -14.65
N GLN A 61 5.39 -4.86 -13.62
CA GLN A 61 4.04 -5.36 -13.41
C GLN A 61 3.21 -4.29 -12.72
N MET A 62 2.02 -3.99 -13.28
CA MET A 62 1.16 -2.93 -12.81
C MET A 62 -0.21 -3.52 -12.46
N ASN A 63 -0.78 -3.05 -11.35
CA ASN A 63 -2.19 -3.24 -11.05
C ASN A 63 -3.02 -2.54 -12.13
N SER A 64 -4.16 -3.14 -12.50
CA SER A 64 -5.03 -2.58 -13.52
C SER A 64 -5.50 -1.16 -13.18
N ARG A 65 -5.66 -0.85 -11.89
CA ARG A 65 -6.14 0.48 -11.52
C ARG A 65 -5.06 1.53 -11.78
N ASP A 66 -3.81 1.11 -12.02
CA ASP A 66 -2.70 2.04 -12.19
C ASP A 66 -2.30 2.15 -13.67
N VAL A 67 -3.19 1.74 -14.60
CA VAL A 67 -2.93 1.86 -16.02
C VAL A 67 -4.15 2.47 -16.69
N ARG A 68 -3.94 3.40 -17.62
CA ARG A 68 -5.04 3.86 -18.45
C ARG A 68 -4.50 4.35 -19.79
N ALA A 69 -5.42 4.66 -20.70
CA ALA A 69 -5.08 5.10 -22.04
C ALA A 69 -4.28 6.40 -21.96
N ARG A 70 -3.25 6.51 -22.77
CA ARG A 70 -2.39 7.68 -22.79
C ARG A 70 -3.24 8.93 -22.98
N ALA A 71 -3.00 9.95 -22.15
CA ALA A 71 -3.63 11.24 -22.31
C ALA A 71 -3.38 11.79 -23.72
N ARG A 72 -4.40 12.39 -24.33
CA ARG A 72 -4.27 12.89 -25.70
C ARG A 72 -5.05 14.19 -25.93
N THR A 73 -6.10 14.47 -25.13
CA THR A 73 -6.93 15.64 -25.37
C THR A 73 -6.71 16.71 -24.29
N ILE A 74 -6.35 17.91 -24.74
CA ILE A 74 -6.22 19.08 -23.89
C ILE A 74 -7.57 19.77 -23.74
N ILE A 75 -7.93 20.07 -22.49
CA ILE A 75 -9.06 20.92 -22.17
C ILE A 75 -8.58 22.36 -22.18
N LYS A 76 -9.05 23.15 -23.15
CA LYS A 76 -8.63 24.54 -23.32
C LYS A 76 -9.08 25.35 -22.11
N TRP A 77 -8.36 26.46 -21.85
CA TRP A 77 -8.61 27.33 -20.72
C TRP A 77 -10.10 27.60 -20.53
N GLN A 78 -10.81 27.94 -21.62
CA GLN A 78 -12.17 28.41 -21.47
C GLN A 78 -13.11 27.26 -21.07
N ASP A 79 -12.70 26.02 -21.35
CA ASP A 79 -13.53 24.86 -21.05
C ASP A 79 -13.28 24.31 -19.65
N LEU A 80 -12.24 24.78 -18.95
CA LEU A 80 -11.96 24.32 -17.60
C LEU A 80 -13.03 24.82 -16.65
N GLU A 81 -13.42 23.98 -15.69
CA GLU A 81 -14.39 24.37 -14.68
C GLU A 81 -14.12 23.65 -13.37
N VAL A 82 -14.40 24.38 -12.28
CA VAL A 82 -14.35 23.86 -10.93
C VAL A 82 -15.09 22.52 -10.91
N GLY A 83 -14.49 21.54 -10.22
CA GLY A 83 -15.10 20.22 -10.07
C GLY A 83 -14.61 19.19 -11.09
N GLN A 84 -14.04 19.63 -12.21
CA GLN A 84 -13.46 18.71 -13.18
C GLN A 84 -12.26 17.96 -12.56
N VAL A 85 -12.19 16.66 -12.82
CA VAL A 85 -11.04 15.84 -12.46
C VAL A 85 -10.23 15.61 -13.73
N VAL A 86 -8.99 16.11 -13.71
CA VAL A 86 -8.14 16.23 -14.88
C VAL A 86 -6.75 15.68 -14.53
N MET A 87 -5.88 15.61 -15.55
CA MET A 87 -4.47 15.33 -15.34
C MET A 87 -3.69 16.57 -15.75
N LEU A 88 -2.90 17.12 -14.81
CA LEU A 88 -2.20 18.36 -15.07
C LEU A 88 -0.79 18.27 -14.51
N ASN A 89 0.02 19.28 -14.84
CA ASN A 89 1.42 19.27 -14.45
C ASN A 89 1.59 20.08 -13.17
N TYR A 90 2.33 19.50 -12.22
CA TYR A 90 2.66 20.18 -10.97
C TYR A 90 3.99 19.60 -10.46
N ASN A 91 4.71 20.44 -9.72
CA ASN A 91 5.98 20.03 -9.12
C ASN A 91 5.96 20.30 -7.62
N PRO A 92 5.65 19.28 -6.78
CA PRO A 92 5.59 19.49 -5.33
C PRO A 92 6.90 19.97 -4.71
N ASP A 93 8.02 19.65 -5.34
CA ASP A 93 9.34 20.07 -4.87
C ASP A 93 9.58 21.55 -5.18
N ASN A 94 9.00 22.06 -6.28
CA ASN A 94 9.21 23.43 -6.69
C ASN A 94 7.96 23.91 -7.43
N PRO A 95 6.90 24.31 -6.70
CA PRO A 95 5.59 24.58 -7.31
C PRO A 95 5.53 25.61 -8.43
N LYS A 96 6.56 26.45 -8.58
CA LYS A 96 6.55 27.43 -9.64
C LYS A 96 7.16 26.87 -10.93
N GLU A 97 7.63 25.63 -10.88
CA GLU A 97 8.34 25.06 -12.01
C GLU A 97 7.57 23.84 -12.49
N ARG A 98 7.93 23.39 -13.70
CA ARG A 98 7.35 22.20 -14.28
C ARG A 98 7.81 20.98 -13.49
N GLY A 99 6.89 20.02 -13.32
CA GLY A 99 7.17 18.76 -12.67
C GLY A 99 6.57 17.59 -13.44
N PHE A 100 5.73 16.83 -12.74
CA PHE A 100 5.18 15.60 -13.28
C PHE A 100 3.66 15.75 -13.43
N TRP A 101 3.01 14.67 -13.88
CA TRP A 101 1.61 14.68 -14.28
C TRP A 101 0.78 13.94 -13.23
N TYR A 102 -0.20 14.64 -12.67
CA TYR A 102 -0.97 14.14 -11.56
C TYR A 102 -2.45 14.34 -11.84
N ASP A 103 -3.28 13.45 -11.30
CA ASP A 103 -4.70 13.69 -11.21
C ASP A 103 -4.94 14.85 -10.26
N ALA A 104 -5.94 15.66 -10.59
CA ALA A 104 -6.28 16.81 -9.77
C ALA A 104 -7.75 17.19 -9.99
N GLU A 105 -8.38 17.68 -8.93
CA GLU A 105 -9.71 18.26 -9.01
C GLU A 105 -9.58 19.78 -9.03
N ILE A 106 -10.05 20.42 -10.10
CA ILE A 106 -10.04 21.87 -10.16
C ILE A 106 -10.92 22.44 -9.05
N SER A 107 -10.37 23.39 -8.28
CA SER A 107 -11.01 23.89 -7.07
C SER A 107 -11.31 25.39 -7.18
N ARG A 108 -10.67 26.11 -8.11
CA ARG A 108 -10.93 27.54 -8.28
C ARG A 108 -10.39 27.97 -9.63
N LYS A 109 -11.11 28.90 -10.27
CA LYS A 109 -10.70 29.50 -11.53
C LYS A 109 -11.03 30.99 -11.52
N ARG A 110 -10.04 31.83 -11.79
CA ARG A 110 -10.21 33.27 -11.83
C ARG A 110 -9.59 33.81 -13.13
N GLU A 111 -10.18 34.89 -13.65
CA GLU A 111 -9.61 35.56 -14.81
C GLU A 111 -9.82 37.07 -14.69
N THR A 112 -8.72 37.82 -14.81
CA THR A 112 -8.76 39.26 -14.95
C THR A 112 -8.18 39.62 -16.32
N ARG A 113 -8.10 40.92 -16.60
CA ARG A 113 -7.51 41.40 -17.85
C ARG A 113 -6.00 41.17 -17.87
N THR A 114 -5.36 40.92 -16.71
CA THR A 114 -3.91 40.77 -16.68
C THR A 114 -3.46 39.35 -16.32
N ALA A 115 -4.36 38.48 -15.81
CA ALA A 115 -3.92 37.23 -15.21
C ALA A 115 -4.98 36.12 -15.34
N ARG A 116 -4.52 34.86 -15.43
CA ARG A 116 -5.38 33.68 -15.37
C ARG A 116 -4.90 32.76 -14.25
N GLU A 117 -5.76 32.52 -13.25
CA GLU A 117 -5.42 31.75 -12.07
C GLU A 117 -6.22 30.45 -12.04
N LEU A 118 -5.53 29.32 -11.88
CA LEU A 118 -6.16 28.03 -11.72
C LEU A 118 -5.61 27.35 -10.47
N TYR A 119 -6.51 26.84 -9.63
CA TYR A 119 -6.15 26.11 -8.43
C TYR A 119 -6.78 24.72 -8.53
N ALA A 120 -6.09 23.72 -7.95
CA ALA A 120 -6.57 22.35 -7.99
C ALA A 120 -6.06 21.59 -6.78
N ASN A 121 -6.81 20.56 -6.40
CA ASN A 121 -6.39 19.64 -5.37
C ASN A 121 -5.68 18.47 -6.04
N VAL A 122 -4.36 18.40 -5.85
CA VAL A 122 -3.51 17.49 -6.60
C VAL A 122 -3.33 16.21 -5.80
N VAL A 123 -3.53 15.05 -6.45
CA VAL A 123 -3.41 13.77 -5.79
C VAL A 123 -1.97 13.25 -5.93
N LEU A 124 -1.28 13.08 -4.80
CA LEU A 124 0.04 12.48 -4.78
C LEU A 124 -0.07 11.01 -4.35
N GLY A 125 1.03 10.46 -3.80
CA GLY A 125 1.07 9.04 -3.47
C GLY A 125 0.02 8.61 -2.47
N ASP A 126 0.05 9.19 -1.26
CA ASP A 126 -0.81 8.76 -0.17
C ASP A 126 -1.73 9.87 0.31
N ASP A 127 -1.53 11.11 -0.17
CA ASP A 127 -2.35 12.22 0.27
C ASP A 127 -2.61 13.14 -0.92
N SER A 128 -3.33 14.24 -0.66
CA SER A 128 -3.56 15.29 -1.62
C SER A 128 -2.99 16.61 -1.12
N LEU A 129 -2.72 17.51 -2.06
CA LEU A 129 -2.37 18.89 -1.78
C LEU A 129 -3.54 19.76 -2.23
N ASN A 130 -4.19 20.46 -1.29
CA ASN A 130 -5.37 21.26 -1.66
C ASN A 130 -4.94 22.65 -2.13
N ASP A 131 -5.68 23.19 -3.09
CA ASP A 131 -5.52 24.56 -3.57
C ASP A 131 -4.07 24.82 -4.01
N CYS A 132 -3.53 23.92 -4.84
CA CYS A 132 -2.28 24.19 -5.53
C CYS A 132 -2.54 25.18 -6.66
N ARG A 133 -1.65 26.17 -6.78
CA ARG A 133 -1.62 27.07 -7.90
C ARG A 133 -0.97 26.34 -9.08
N ILE A 134 -1.74 26.18 -10.16
CA ILE A 134 -1.31 25.45 -11.34
C ILE A 134 -0.73 26.42 -12.35
N ILE A 135 0.52 26.17 -12.75
CA ILE A 135 1.22 27.06 -13.66
C ILE A 135 0.81 26.78 -15.10
N PHE A 136 0.72 25.50 -15.47
CA PHE A 136 0.57 25.12 -16.86
C PHE A 136 -0.91 24.97 -17.22
N VAL A 137 -1.62 26.10 -17.28
CA VAL A 137 -3.08 26.12 -17.36
C VAL A 137 -3.54 25.80 -18.79
N ASP A 138 -2.64 25.85 -19.77
CA ASP A 138 -2.97 25.52 -21.15
C ASP A 138 -2.52 24.10 -21.50
N GLU A 139 -2.10 23.30 -20.51
CA GLU A 139 -1.70 21.92 -20.73
C GLU A 139 -2.46 21.00 -19.78
N VAL A 140 -3.75 21.24 -19.60
CA VAL A 140 -4.56 20.41 -18.73
C VAL A 140 -5.21 19.34 -19.61
N PHE A 141 -5.02 18.07 -19.22
CA PHE A 141 -5.47 16.94 -20.00
C PHE A 141 -6.76 16.39 -19.44
N LYS A 142 -7.66 16.03 -20.37
CA LYS A 142 -8.82 15.21 -20.07
C LYS A 142 -8.34 13.81 -19.71
N ILE A 143 -8.97 13.22 -18.69
CA ILE A 143 -8.70 11.83 -18.37
C ILE A 143 -9.63 11.00 -19.25
N GLU A 144 -9.04 10.15 -20.09
CA GLU A 144 -9.75 9.24 -20.97
C GLU A 144 -10.62 8.31 -20.12
N ARG A 145 -11.90 8.21 -20.49
CA ARG A 145 -12.80 7.19 -19.96
C ARG A 145 -12.57 5.86 -20.69
N PRO A 146 -12.57 4.71 -19.97
CA PRO A 146 -12.32 3.41 -20.60
C PRO A 146 -13.28 3.12 -21.76
N GLY A 147 -12.73 2.67 -22.89
CA GLY A 147 -13.54 2.24 -24.02
C GLY A 147 -13.78 3.35 -25.05
N GLU A 148 -13.83 4.61 -24.60
CA GLU A 148 -14.14 5.73 -25.48
C GLU A 148 -12.89 6.10 -26.27
N GLY A 149 -13.09 6.58 -27.50
CA GLY A 149 -12.00 6.88 -28.42
C GLY A 149 -11.30 5.61 -28.93
N SER A 150 -10.33 5.82 -29.83
CA SER A 150 -9.50 4.75 -30.36
C SER A 150 -8.28 4.54 -29.46
N PRO A 151 -7.78 3.29 -29.31
CA PRO A 151 -6.46 3.06 -28.71
C PRO A 151 -5.33 3.81 -29.43
N MET A 152 -4.42 4.40 -28.65
CA MET A 152 -3.22 5.00 -29.19
C MET A 152 -2.19 3.89 -29.41
N VAL A 153 -1.84 3.67 -30.67
CA VAL A 153 -0.98 2.57 -31.09
C VAL A 153 0.23 3.12 -31.86
N ASP A 154 0.16 4.39 -32.27
CA ASP A 154 1.21 5.11 -32.97
C ASP A 154 1.02 6.60 -32.72
N ASN A 155 1.89 7.44 -33.31
CA ASN A 155 1.69 8.88 -33.33
C ASN A 155 1.31 9.39 -31.95
N PRO A 156 2.18 9.20 -30.92
CA PRO A 156 1.81 9.50 -29.54
C PRO A 156 1.82 11.01 -29.25
N MET A 157 0.86 11.45 -28.43
CA MET A 157 0.83 12.82 -27.93
C MET A 157 1.97 13.00 -26.92
N ARG A 158 2.87 13.97 -27.19
CA ARG A 158 4.04 14.22 -26.36
C ARG A 158 3.71 15.22 -25.25
N ARG A 159 4.17 14.92 -24.03
CA ARG A 159 4.07 15.83 -22.89
C ARG A 159 5.47 16.20 -22.43
N LYS A 160 5.62 17.40 -21.88
CA LYS A 160 6.87 17.80 -21.24
C LYS A 160 6.81 17.54 -19.73
N SER A 161 7.91 17.01 -19.20
CA SER A 161 8.06 16.71 -17.80
C SER A 161 9.40 17.21 -17.28
N GLY A 162 9.44 17.54 -15.98
CA GLY A 162 10.65 17.98 -15.30
C GLY A 162 10.82 19.49 -15.45
N PRO A 163 11.62 20.15 -14.58
CA PRO A 163 11.86 21.58 -14.71
C PRO A 163 12.38 21.96 -16.10
N SER A 164 11.87 23.06 -16.65
CA SER A 164 12.18 23.47 -18.00
C SER A 164 13.38 24.41 -18.01
N CYS A 165 14.17 24.34 -19.07
CA CYS A 165 15.23 25.30 -19.32
C CYS A 165 14.69 26.73 -19.31
N LYS A 166 15.38 27.66 -18.63
CA LYS A 166 14.87 29.01 -18.47
C LYS A 166 15.13 29.87 -19.70
N HIS A 167 15.98 29.41 -20.63
CA HIS A 167 16.20 30.16 -21.85
C HIS A 167 15.02 29.98 -22.82
N CYS A 168 14.56 28.74 -22.97
CA CYS A 168 13.68 28.40 -24.09
C CYS A 168 12.33 27.85 -23.63
N LYS A 169 12.16 27.60 -22.33
CA LYS A 169 10.96 27.01 -21.75
C LYS A 169 10.63 25.67 -22.39
N ASP A 170 11.62 24.98 -22.96
CA ASP A 170 11.44 23.66 -23.55
C ASP A 170 10.48 23.68 -24.75
N ASP A 171 10.23 24.88 -25.31
CA ASP A 171 9.36 25.04 -26.47
C ASP A 171 9.98 24.24 -27.63
N VAL A 172 9.25 23.23 -28.12
CA VAL A 172 9.78 22.29 -29.10
C VAL A 172 10.01 22.98 -30.46
N ASN A 173 9.40 24.16 -30.65
CA ASN A 173 9.54 24.87 -31.91
C ASN A 173 10.66 25.90 -31.84
N ARG A 174 11.33 26.01 -30.67
CA ARG A 174 12.46 26.92 -30.53
C ARG A 174 13.75 26.11 -30.46
N LEU A 175 14.82 26.68 -31.01
CA LEU A 175 16.15 26.12 -30.87
C LEU A 175 16.71 26.62 -29.55
N CYS A 176 17.69 25.89 -29.01
CA CYS A 176 18.36 26.34 -27.81
C CYS A 176 19.72 25.68 -27.71
N ARG A 177 20.77 26.52 -27.64
CA ARG A 177 22.14 26.07 -27.61
C ARG A 177 22.56 25.82 -26.16
N VAL A 178 21.68 26.14 -25.21
CA VAL A 178 21.99 25.91 -23.81
C VAL A 178 21.59 24.50 -23.39
N CYS A 179 20.35 24.07 -23.71
CA CYS A 179 19.87 22.78 -23.23
C CYS A 179 19.83 21.72 -24.33
N ALA A 180 19.95 22.13 -25.60
CA ALA A 180 20.08 21.18 -26.70
C ALA A 180 21.41 21.44 -27.40
N CYS A 181 21.52 21.10 -28.70
CA CYS A 181 22.84 21.08 -29.34
C CYS A 181 23.47 22.46 -29.27
N HIS A 182 24.69 22.50 -28.73
CA HIS A 182 25.42 23.74 -28.50
C HIS A 182 25.81 24.41 -29.83
N LEU A 183 25.81 23.65 -30.93
CA LEU A 183 26.21 24.15 -32.23
C LEU A 183 25.00 24.58 -33.06
N CYS A 184 23.97 23.71 -33.20
CA CYS A 184 22.84 24.05 -34.06
C CYS A 184 21.59 24.44 -33.25
N GLY A 185 21.56 24.11 -31.95
CA GLY A 185 20.42 24.41 -31.10
C GLY A 185 19.26 23.43 -31.27
N GLY A 186 19.50 22.32 -32.00
CA GLY A 186 18.44 21.39 -32.37
C GLY A 186 18.21 20.31 -31.30
N ARG A 187 16.95 19.90 -31.17
CA ARG A 187 16.48 18.99 -30.13
C ARG A 187 16.47 17.54 -30.61
N GLN A 188 16.55 17.34 -31.93
CA GLN A 188 16.35 16.02 -32.52
C GLN A 188 17.55 15.13 -32.18
N ASP A 189 17.31 13.80 -32.21
CA ASP A 189 18.31 12.77 -31.96
C ASP A 189 19.07 13.03 -30.66
N PRO A 190 18.36 13.20 -29.51
CA PRO A 190 19.04 13.43 -28.24
C PRO A 190 19.94 12.26 -27.84
N ASP A 191 19.62 11.07 -28.35
CA ASP A 191 20.43 9.87 -28.14
C ASP A 191 21.75 9.96 -28.91
N LYS A 192 21.89 10.94 -29.80
CA LYS A 192 23.10 11.10 -30.58
C LYS A 192 23.74 12.46 -30.34
N GLN A 193 23.39 13.10 -29.21
CA GLN A 193 24.06 14.32 -28.77
C GLN A 193 24.96 13.96 -27.59
N LEU A 194 26.26 14.24 -27.72
CA LEU A 194 27.22 13.93 -26.68
C LEU A 194 27.24 15.06 -25.64
N MET A 195 27.47 14.71 -24.38
CA MET A 195 27.57 15.68 -23.30
C MET A 195 29.04 15.82 -22.89
N CYS A 196 29.56 17.04 -22.98
CA CYS A 196 30.92 17.31 -22.55
C CYS A 196 31.06 17.11 -21.04
N ASP A 197 32.05 16.30 -20.64
CA ASP A 197 32.25 15.99 -19.24
C ASP A 197 32.81 17.20 -18.48
N GLU A 198 33.23 18.26 -19.18
CA GLU A 198 33.68 19.49 -18.56
C GLU A 198 32.53 20.49 -18.47
N CYS A 199 32.08 21.03 -19.61
CA CYS A 199 31.14 22.15 -19.64
C CYS A 199 29.69 21.68 -19.61
N ASP A 200 29.46 20.38 -19.87
CA ASP A 200 28.15 19.74 -19.81
C ASP A 200 27.19 20.30 -20.88
N MET A 201 27.72 20.77 -22.01
CA MET A 201 26.92 21.15 -23.16
C MET A 201 26.76 19.93 -24.08
N ALA A 202 25.70 19.96 -24.91
CA ALA A 202 25.33 18.87 -25.78
C ALA A 202 25.81 19.12 -27.21
N PHE A 203 26.17 18.06 -27.94
CA PHE A 203 26.66 18.17 -29.32
C PHE A 203 26.20 16.99 -30.17
N HIS A 204 25.37 17.25 -31.18
CA HIS A 204 25.10 16.26 -32.21
C HIS A 204 26.41 15.70 -32.77
N ILE A 205 26.47 14.37 -32.91
CA ILE A 205 27.62 13.72 -33.52
C ILE A 205 27.84 14.24 -34.94
N TYR A 206 26.77 14.65 -35.64
CA TYR A 206 26.89 15.10 -37.02
C TYR A 206 27.14 16.62 -37.13
N CYS A 207 27.19 17.36 -36.00
CA CYS A 207 27.50 18.78 -36.06
C CYS A 207 28.96 19.03 -35.71
N LEU A 208 29.63 18.03 -35.13
CA LEU A 208 31.04 18.12 -34.80
C LEU A 208 31.88 18.17 -36.10
N ASP A 209 33.13 18.60 -35.97
CA ASP A 209 34.05 18.71 -37.08
C ASP A 209 35.40 18.13 -36.67
N PRO A 210 35.78 16.92 -37.12
CA PRO A 210 34.99 16.12 -38.07
C PRO A 210 33.74 15.50 -37.44
N PRO A 211 32.66 15.27 -38.21
CA PRO A 211 31.48 14.59 -37.66
C PRO A 211 31.79 13.14 -37.31
N LEU A 212 31.06 12.59 -36.33
CA LEU A 212 31.23 11.21 -35.90
C LEU A 212 30.04 10.40 -36.41
N SER A 213 30.31 9.16 -36.80
CA SER A 213 29.29 8.30 -37.39
C SER A 213 28.44 7.66 -36.29
N SER A 214 28.99 7.56 -35.08
CA SER A 214 28.26 7.00 -33.93
C SER A 214 28.79 7.59 -32.61
N VAL A 215 28.11 7.24 -31.51
CA VAL A 215 28.52 7.63 -30.18
C VAL A 215 29.82 6.91 -29.83
N PRO A 216 30.92 7.64 -29.50
CA PRO A 216 32.20 7.01 -29.18
C PRO A 216 32.11 5.99 -28.04
N SER A 217 32.95 4.96 -28.14
CA SER A 217 33.08 3.95 -27.10
C SER A 217 34.29 4.29 -26.23
N GLU A 218 34.08 5.26 -25.33
CA GLU A 218 35.08 5.68 -24.37
C GLU A 218 34.43 5.75 -22.99
N ASP A 219 35.26 5.99 -21.97
CA ASP A 219 34.78 6.25 -20.62
C ASP A 219 34.23 7.67 -20.53
N GLU A 220 34.83 8.59 -21.28
CA GLU A 220 34.56 10.02 -21.16
C GLU A 220 34.59 10.66 -22.54
N TRP A 221 34.14 11.91 -22.62
CA TRP A 221 34.21 12.71 -23.84
C TRP A 221 34.24 14.20 -23.48
N TYR A 222 35.07 14.96 -24.21
CA TYR A 222 35.22 16.40 -24.02
C TYR A 222 35.02 17.09 -25.37
N CYS A 223 34.35 18.25 -25.37
CA CYS A 223 34.03 18.96 -26.61
C CYS A 223 35.29 19.64 -27.17
N PRO A 224 35.27 20.16 -28.43
CA PRO A 224 36.42 20.86 -29.00
C PRO A 224 37.04 21.96 -28.14
N GLU A 225 36.19 22.72 -27.43
CA GLU A 225 36.64 23.87 -26.66
C GLU A 225 37.26 23.42 -25.33
N CYS A 226 36.82 22.30 -24.77
CA CYS A 226 37.31 21.87 -23.47
C CYS A 226 38.48 20.88 -23.59
N ARG A 227 38.80 20.46 -24.82
CA ARG A 227 39.94 19.57 -25.05
C ARG A 227 41.24 20.38 -24.92
N GLU B 3 18.76 1.42 -1.01
CA GLU B 3 18.75 2.51 -2.01
C GLU B 3 19.52 2.08 -3.26
N TRP B 4 18.86 2.17 -4.43
CA TRP B 4 19.46 1.84 -5.71
C TRP B 4 19.67 3.11 -6.53
N LEU B 5 20.80 3.18 -7.24
CA LEU B 5 21.19 4.32 -8.03
C LEU B 5 21.59 3.84 -9.43
N TYR B 6 20.87 4.28 -10.47
CA TYR B 6 21.17 3.88 -11.84
C TYR B 6 22.05 4.93 -12.50
N SER B 7 23.05 4.48 -13.27
CA SER B 7 23.97 5.36 -13.98
C SER B 7 24.41 4.66 -15.26
N ARG B 8 23.99 5.22 -16.42
CA ARG B 8 24.29 4.61 -17.71
C ARG B 8 25.78 4.78 -18.02
N ARG B 9 26.45 3.67 -18.35
CA ARG B 9 27.90 3.65 -18.50
C ARG B 9 28.33 4.34 -19.78
N GLY B 10 29.62 4.69 -19.84
CA GLY B 10 30.23 5.23 -21.04
C GLY B 10 30.03 6.73 -21.20
N VAL B 11 29.85 7.16 -22.44
CA VAL B 11 29.74 8.56 -22.80
C VAL B 11 28.28 8.99 -22.61
N ARG B 12 28.10 10.17 -21.99
CA ARG B 12 26.78 10.66 -21.66
C ARG B 12 26.16 11.33 -22.88
N THR B 13 24.87 11.06 -23.10
CA THR B 13 24.09 11.67 -24.17
C THR B 13 23.06 12.63 -23.58
N LEU B 14 22.50 13.48 -24.44
CA LEU B 14 21.49 14.42 -23.99
C LEU B 14 20.31 13.64 -23.43
N LEU B 15 19.93 12.56 -24.10
CA LEU B 15 18.80 11.75 -23.67
C LEU B 15 19.06 11.17 -22.29
N SER B 16 20.25 10.60 -22.07
CA SER B 16 20.57 10.02 -20.76
C SER B 16 20.51 11.09 -19.68
N VAL B 17 20.92 12.32 -19.98
CA VAL B 17 20.94 13.39 -19.00
C VAL B 17 19.51 13.91 -18.75
N GLN B 18 18.71 14.01 -19.81
CA GLN B 18 17.30 14.39 -19.66
C GLN B 18 16.60 13.42 -18.71
N ARG B 19 16.88 12.12 -18.88
CA ARG B 19 16.25 11.09 -18.09
C ARG B 19 16.77 11.10 -16.66
N GLU B 20 18.06 11.40 -16.48
CA GLU B 20 18.66 11.44 -15.15
C GLU B 20 18.01 12.54 -14.33
N LYS B 21 17.72 13.69 -14.95
CA LYS B 21 17.11 14.81 -14.23
C LYS B 21 15.70 14.45 -13.77
N MET B 22 14.95 13.76 -14.64
CA MET B 22 13.62 13.31 -14.26
C MET B 22 13.71 12.25 -13.16
N ALA B 23 14.66 11.33 -13.27
CA ALA B 23 14.84 10.29 -12.28
C ALA B 23 15.20 10.91 -10.93
N ARG B 24 16.03 11.94 -10.93
CA ARG B 24 16.41 12.63 -9.70
C ARG B 24 15.16 13.18 -9.01
N LEU B 25 14.31 13.86 -9.77
CA LEU B 25 13.11 14.44 -9.18
C LEU B 25 12.20 13.34 -8.63
N ARG B 26 12.04 12.28 -9.41
CA ARG B 26 11.11 11.22 -9.06
C ARG B 26 11.56 10.46 -7.81
N TYR B 27 12.84 10.11 -7.76
CA TYR B 27 13.32 9.09 -6.85
C TYR B 27 14.10 9.69 -5.68
N MET B 28 14.77 10.81 -5.87
CA MET B 28 15.54 11.44 -4.80
C MET B 28 14.70 12.51 -4.10
N LEU B 29 13.76 13.17 -4.79
CA LEU B 29 13.07 14.32 -4.18
C LEU B 29 11.62 14.02 -3.80
N LEU B 30 10.90 13.19 -4.58
CA LEU B 30 9.45 13.16 -4.49
C LEU B 30 8.90 11.89 -3.82
N GLY B 31 9.74 10.89 -3.62
CA GLY B 31 9.34 9.74 -2.83
C GLY B 31 9.10 8.48 -3.67
N GLY B 32 9.52 8.49 -4.93
CA GLY B 32 9.59 7.28 -5.72
C GLY B 32 10.60 6.31 -5.13
N VAL B 33 10.40 5.00 -5.32
CA VAL B 33 11.32 4.00 -4.78
C VAL B 33 11.85 3.14 -5.92
N ARG B 34 13.18 3.19 -6.13
CA ARG B 34 13.85 2.30 -7.08
C ARG B 34 13.86 0.89 -6.52
N THR B 35 13.44 -0.09 -7.32
CA THR B 35 13.71 -1.49 -7.00
C THR B 35 14.74 -2.03 -7.99
N HIS B 36 15.46 -3.07 -7.58
CA HIS B 36 16.38 -3.77 -8.47
C HIS B 36 16.81 -5.10 -7.84
N GLU B 37 16.92 -6.14 -8.70
CA GLU B 37 17.38 -7.47 -8.32
C GLU B 37 18.25 -8.05 -9.45
N GLY C 1 16.13 14.42 18.37
CA GLY C 1 15.91 14.26 19.83
C GLY C 1 16.05 12.81 20.26
N PRO C 2 16.09 12.53 21.58
CA PRO C 2 16.09 11.14 22.06
C PRO C 2 14.84 10.38 21.60
N LEU C 3 15.01 9.09 21.34
CA LEU C 3 13.92 8.28 20.78
C LEU C 3 12.79 8.18 21.79
N GLY C 4 11.58 8.53 21.34
CA GLY C 4 10.42 8.66 22.21
C GLY C 4 9.24 7.97 21.54
N SER C 5 8.67 6.97 22.24
CA SER C 5 7.63 6.13 21.65
C SER C 5 6.46 5.98 22.62
N LEU C 6 5.27 5.81 22.06
CA LEU C 6 4.08 5.57 22.86
C LEU C 6 4.17 4.24 23.60
N TYR C 7 4.77 3.22 22.96
CA TYR C 7 4.80 1.88 23.54
C TYR C 7 6.26 1.49 23.75
N LYS C 8 6.50 0.67 24.79
CA LYS C 8 7.84 0.37 25.26
C LYS C 8 8.16 -1.10 25.07
N VAL C 9 9.45 -1.44 25.13
CA VAL C 9 9.87 -2.83 25.07
C VAL C 9 9.17 -3.62 26.17
N ASN C 10 8.70 -4.82 25.79
CA ASN C 10 8.03 -5.78 26.66
C ASN C 10 6.57 -5.43 26.88
N GLU C 11 6.09 -4.31 26.33
CA GLU C 11 4.69 -3.95 26.55
C GLU C 11 3.79 -4.87 25.73
N TYR C 12 2.61 -5.16 26.28
CA TYR C 12 1.62 -5.98 25.60
C TYR C 12 0.76 -5.08 24.74
N VAL C 13 0.68 -5.42 23.45
CA VAL C 13 0.02 -4.56 22.47
C VAL C 13 -0.94 -5.39 21.63
N ASP C 14 -1.74 -4.69 20.83
CA ASP C 14 -2.40 -5.25 19.67
C ASP C 14 -1.72 -4.72 18.43
N ALA C 15 -1.51 -5.61 17.45
CA ALA C 15 -0.85 -5.28 16.20
C ALA C 15 -1.78 -5.65 15.03
N ARG C 16 -1.96 -4.73 14.09
CA ARG C 16 -2.95 -4.88 13.04
C ARG C 16 -2.32 -5.52 11.80
N ASP C 17 -3.01 -6.53 11.25
CA ASP C 17 -2.68 -7.10 9.96
C ASP C 17 -3.25 -6.17 8.88
N THR C 18 -2.38 -5.62 8.03
CA THR C 18 -2.80 -4.60 7.08
C THR C 18 -3.49 -5.22 5.87
N ASN C 19 -3.34 -6.54 5.70
CA ASN C 19 -3.98 -7.23 4.60
C ASN C 19 -5.45 -7.52 4.90
N MET C 20 -5.76 -7.95 6.13
CA MET C 20 -7.13 -8.38 6.40
C MET C 20 -7.77 -7.58 7.54
N GLY C 21 -7.02 -6.69 8.19
CA GLY C 21 -7.59 -5.65 9.04
C GLY C 21 -7.75 -6.00 10.53
N ALA C 22 -7.49 -7.25 10.91
CA ALA C 22 -7.72 -7.66 12.29
C ALA C 22 -6.56 -7.23 13.18
N TRP C 23 -6.87 -7.10 14.47
CA TRP C 23 -5.93 -6.76 15.53
C TRP C 23 -5.58 -8.00 16.34
N PHE C 24 -4.27 -8.30 16.43
CA PHE C 24 -3.79 -9.51 17.06
C PHE C 24 -2.90 -9.19 18.26
N GLU C 25 -2.98 -10.04 19.28
CA GLU C 25 -2.20 -9.89 20.50
C GLU C 25 -0.72 -10.08 20.21
N ALA C 26 0.09 -9.14 20.67
CA ALA C 26 1.52 -9.19 20.43
C ALA C 26 2.27 -8.52 21.57
N GLN C 27 3.60 -8.67 21.55
CA GLN C 27 4.44 -8.05 22.55
C GLN C 27 5.57 -7.32 21.83
N VAL C 28 5.86 -6.10 22.30
CA VAL C 28 6.94 -5.31 21.74
C VAL C 28 8.28 -5.88 22.21
N VAL C 29 9.16 -6.14 21.23
CA VAL C 29 10.48 -6.70 21.46
C VAL C 29 11.56 -5.63 21.24
N ARG C 30 11.29 -4.65 20.37
CA ARG C 30 12.22 -3.57 20.10
C ARG C 30 11.46 -2.38 19.54
N VAL C 31 12.02 -1.19 19.77
CA VAL C 31 11.55 0.04 19.15
C VAL C 31 12.75 0.68 18.46
N THR C 32 12.65 0.92 17.15
CA THR C 32 13.71 1.56 16.40
C THR C 32 13.20 2.82 15.71
N ARG C 33 14.18 3.70 15.41
CA ARG C 33 13.96 4.94 14.70
C ARG C 33 13.82 4.64 13.22
N LYS C 34 12.74 5.14 12.61
CA LYS C 34 12.50 4.91 11.19
C LYS C 34 13.22 5.97 10.38
N ALA C 35 13.95 5.55 9.33
CA ALA C 35 14.62 6.47 8.43
C ALA C 35 13.56 7.34 7.76
N PRO C 36 13.59 8.68 7.93
CA PRO C 36 12.61 9.55 7.27
C PRO C 36 12.71 9.42 5.76
N SER C 37 11.57 9.41 5.08
CA SER C 37 11.58 9.27 3.63
C SER C 37 10.96 10.50 2.99
N ARG C 38 11.31 10.73 1.73
CA ARG C 38 10.85 11.87 0.97
C ARG C 38 9.38 11.67 0.60
N PRO C 39 8.61 12.76 0.38
CA PRO C 39 9.14 14.13 0.52
C PRO C 39 9.09 14.79 1.90
N ALA C 40 8.23 14.30 2.81
CA ALA C 40 7.89 15.04 4.02
C ALA C 40 8.92 14.81 5.14
N LEU C 41 9.63 13.68 5.08
CA LEU C 41 10.75 13.39 5.98
C LEU C 41 10.27 13.36 7.44
N GLU C 42 9.05 12.86 7.67
CA GLU C 42 8.50 12.75 9.00
C GLU C 42 9.31 11.76 9.84
N GLU C 43 9.46 12.11 11.12
CA GLU C 43 10.10 11.23 12.08
C GLU C 43 9.06 10.23 12.58
N ASP C 44 9.49 8.98 12.79
CA ASP C 44 8.58 7.92 13.19
C ASP C 44 9.39 6.78 13.78
N VAL C 45 8.66 5.82 14.36
CA VAL C 45 9.27 4.63 14.93
C VAL C 45 8.68 3.39 14.27
N ILE C 46 9.50 2.35 14.33
CA ILE C 46 9.10 1.01 13.97
C ILE C 46 9.07 0.16 15.24
N TYR C 47 7.94 -0.54 15.45
CA TYR C 47 7.80 -1.51 16.53
C TYR C 47 8.12 -2.91 15.99
N HIS C 48 9.04 -3.59 16.65
CA HIS C 48 9.33 -4.99 16.37
C HIS C 48 8.56 -5.83 17.39
N VAL C 49 7.63 -6.65 16.91
CA VAL C 49 6.74 -7.37 17.80
C VAL C 49 6.78 -8.86 17.50
N LYS C 50 6.43 -9.65 18.54
CA LYS C 50 6.19 -11.08 18.42
C LYS C 50 4.72 -11.32 18.74
N TYR C 51 4.08 -12.14 17.89
CA TYR C 51 2.65 -12.42 18.02
C TYR C 51 2.46 -13.66 18.89
N ASP C 52 1.58 -13.55 19.88
CA ASP C 52 1.26 -14.67 20.78
C ASP C 52 0.95 -15.93 19.98
N ASP C 53 0.10 -15.82 18.95
CA ASP C 53 -0.47 -17.01 18.33
C ASP C 53 0.20 -17.35 17.00
N TYR C 54 1.19 -16.55 16.59
CA TYR C 54 1.86 -16.74 15.33
C TYR C 54 3.38 -16.67 15.54
N PRO C 55 3.97 -17.48 16.45
CA PRO C 55 5.41 -17.41 16.74
C PRO C 55 6.27 -17.77 15.54
N GLU C 56 5.72 -18.57 14.62
CA GLU C 56 6.42 -18.96 13.42
C GLU C 56 6.67 -17.77 12.50
N ASN C 57 5.99 -16.64 12.74
CA ASN C 57 6.24 -15.43 11.98
C ASN C 57 7.46 -14.68 12.52
N GLY C 58 7.98 -15.10 13.67
CA GLY C 58 9.18 -14.49 14.25
C GLY C 58 8.88 -13.08 14.73
N VAL C 59 9.94 -12.26 14.72
CA VAL C 59 9.84 -10.85 15.08
C VAL C 59 9.43 -10.08 13.83
N VAL C 60 8.37 -9.28 13.94
CA VAL C 60 7.77 -8.62 12.80
C VAL C 60 7.85 -7.11 13.02
N GLN C 61 8.32 -6.40 11.99
CA GLN C 61 8.38 -4.95 11.99
C GLN C 61 7.00 -4.40 11.67
N MET C 62 6.53 -3.46 12.49
CA MET C 62 5.22 -2.86 12.36
C MET C 62 5.38 -1.34 12.25
N ASN C 63 4.58 -0.74 11.35
CA ASN C 63 4.39 0.70 11.33
C ASN C 63 3.69 1.10 12.63
N SER C 64 4.03 2.29 13.14
CA SER C 64 3.48 2.79 14.39
C SER C 64 1.95 2.88 14.36
N ARG C 65 1.35 3.16 13.21
CA ARG C 65 -0.09 3.28 13.13
C ARG C 65 -0.76 1.92 13.31
N ASP C 66 0.00 0.82 13.22
CA ASP C 66 -0.58 -0.52 13.31
C ASP C 66 -0.29 -1.18 14.66
N VAL C 67 0.06 -0.37 15.67
CA VAL C 67 0.29 -0.88 17.02
C VAL C 67 -0.46 0.00 18.01
N ARG C 68 -1.10 -0.62 19.00
CA ARG C 68 -1.66 0.15 20.10
C ARG C 68 -1.72 -0.71 21.36
N ALA C 69 -2.05 -0.07 22.48
CA ALA C 69 -2.07 -0.74 23.78
C ALA C 69 -3.13 -1.83 23.73
N ARG C 70 -2.80 -2.99 24.31
CA ARG C 70 -3.67 -4.14 24.33
C ARG C 70 -5.03 -3.72 24.89
N ALA C 71 -6.10 -4.11 24.19
CA ALA C 71 -7.45 -3.88 24.66
C ALA C 71 -7.63 -4.51 26.04
N ARG C 72 -8.33 -3.82 26.95
CA ARG C 72 -8.50 -4.32 28.31
C ARG C 72 -9.87 -3.98 28.89
N THR C 73 -10.55 -2.94 28.40
CA THR C 73 -11.81 -2.51 28.97
C THR C 73 -12.98 -2.84 28.06
N ILE C 74 -13.94 -3.60 28.60
CA ILE C 74 -15.17 -3.93 27.90
C ILE C 74 -16.20 -2.83 28.17
N ILE C 75 -16.83 -2.36 27.08
CA ILE C 75 -17.97 -1.48 27.15
C ILE C 75 -19.22 -2.36 27.28
N LYS C 76 -19.88 -2.29 28.44
CA LYS C 76 -21.03 -3.15 28.71
C LYS C 76 -22.19 -2.72 27.80
N TRP C 77 -23.11 -3.67 27.59
CA TRP C 77 -24.22 -3.52 26.68
C TRP C 77 -24.90 -2.15 26.83
N GLN C 78 -25.15 -1.75 28.07
CA GLN C 78 -25.95 -0.56 28.34
C GLN C 78 -25.19 0.70 27.92
N ASP C 79 -23.84 0.63 27.88
CA ASP C 79 -23.03 1.81 27.59
C ASP C 79 -22.76 1.95 26.09
N LEU C 80 -23.10 0.94 25.28
CA LEU C 80 -22.87 1.02 23.84
C LEU C 80 -23.82 2.04 23.21
N GLU C 81 -23.32 2.80 22.23
CA GLU C 81 -24.13 3.77 21.52
C GLU C 81 -23.68 3.89 20.07
N VAL C 82 -24.67 4.10 19.19
CA VAL C 82 -24.44 4.38 17.78
C VAL C 82 -23.37 5.46 17.67
N GLY C 83 -22.42 5.28 16.75
CA GLY C 83 -21.38 6.27 16.51
C GLY C 83 -20.07 5.96 17.23
N GLN C 84 -20.10 5.13 18.29
CA GLN C 84 -18.88 4.71 18.96
C GLN C 84 -18.01 3.89 18.02
N VAL C 85 -16.70 4.14 18.08
CA VAL C 85 -15.70 3.34 17.38
C VAL C 85 -15.04 2.44 18.41
N VAL C 86 -15.19 1.11 18.20
CA VAL C 86 -14.83 0.11 19.17
C VAL C 86 -14.05 -1.00 18.47
N MET C 87 -13.53 -1.95 19.26
CA MET C 87 -12.95 -3.17 18.72
C MET C 87 -13.84 -4.33 19.17
N LEU C 88 -14.36 -5.09 18.19
CA LEU C 88 -15.29 -6.16 18.49
C LEU C 88 -14.98 -7.38 17.63
N ASN C 89 -15.65 -8.49 17.92
CA ASN C 89 -15.38 -9.74 17.27
C ASN C 89 -16.35 -9.93 16.09
N TYR C 90 -15.80 -10.34 14.95
CA TYR C 90 -16.59 -10.67 13.78
C TYR C 90 -15.85 -11.68 12.93
N ASN C 91 -16.60 -12.49 12.20
CA ASN C 91 -16.03 -13.48 11.31
C ASN C 91 -16.59 -13.30 9.91
N PRO C 92 -15.88 -12.61 8.99
CA PRO C 92 -16.41 -12.37 7.64
C PRO C 92 -16.66 -13.65 6.84
N ASP C 93 -15.93 -14.72 7.17
CA ASP C 93 -16.09 -16.00 6.51
C ASP C 93 -17.35 -16.72 7.01
N ASN C 94 -17.74 -16.47 8.26
CA ASN C 94 -18.90 -17.13 8.84
C ASN C 94 -19.53 -16.22 9.89
N PRO C 95 -20.35 -15.22 9.46
CA PRO C 95 -20.82 -14.16 10.34
C PRO C 95 -21.57 -14.56 11.60
N LYS C 96 -22.07 -15.80 11.67
CA LYS C 96 -22.79 -16.23 12.86
C LYS C 96 -21.84 -16.87 13.86
N GLU C 97 -20.55 -16.93 13.54
CA GLU C 97 -19.59 -17.58 14.40
C GLU C 97 -18.54 -16.57 14.84
N ARG C 98 -17.75 -16.98 15.83
CA ARG C 98 -16.67 -16.16 16.33
C ARG C 98 -15.57 -16.12 15.28
N GLY C 99 -14.93 -14.95 15.16
CA GLY C 99 -13.78 -14.78 14.30
C GLY C 99 -12.69 -13.97 14.98
N PHE C 100 -12.32 -12.85 14.38
CA PHE C 100 -11.19 -12.06 14.81
C PHE C 100 -11.68 -10.70 15.30
N TRP C 101 -10.73 -9.83 15.70
CA TRP C 101 -11.02 -8.58 16.37
C TRP C 101 -10.74 -7.41 15.42
N TYR C 102 -11.77 -6.60 15.19
CA TYR C 102 -11.71 -5.55 14.18
C TYR C 102 -12.23 -4.25 14.79
N ASP C 103 -11.71 -3.14 14.27
CA ASP C 103 -12.32 -1.85 14.53
C ASP C 103 -13.67 -1.81 13.83
N ALA C 104 -14.63 -1.15 14.49
CA ALA C 104 -15.96 -1.02 13.94
C ALA C 104 -16.65 0.22 14.51
N GLU C 105 -17.48 0.84 13.67
CA GLU C 105 -18.36 1.90 14.12
C GLU C 105 -19.76 1.32 14.35
N ILE C 106 -20.26 1.44 15.57
CA ILE C 106 -21.62 0.98 15.86
C ILE C 106 -22.62 1.81 15.06
N SER C 107 -23.51 1.12 14.35
CA SER C 107 -24.42 1.74 13.39
C SER C 107 -25.89 1.58 13.77
N ARG C 108 -26.20 0.65 14.68
CA ARG C 108 -27.57 0.44 15.12
C ARG C 108 -27.57 -0.40 16.39
N LYS C 109 -28.47 -0.06 17.32
CA LYS C 109 -28.61 -0.77 18.57
C LYS C 109 -30.09 -0.87 18.93
N ARG C 110 -30.58 -2.10 19.13
CA ARG C 110 -31.99 -2.34 19.42
C ARG C 110 -32.09 -3.32 20.59
N GLU C 111 -33.16 -3.22 21.36
CA GLU C 111 -33.41 -4.17 22.45
C GLU C 111 -34.91 -4.44 22.57
N THR C 112 -35.27 -5.72 22.58
CA THR C 112 -36.61 -6.18 22.90
C THR C 112 -36.53 -7.03 24.16
N ARG C 113 -37.68 -7.58 24.58
CA ARG C 113 -37.74 -8.48 25.74
C ARG C 113 -37.00 -9.79 25.48
N THR C 114 -36.80 -10.15 24.19
CA THR C 114 -36.26 -11.46 23.87
C THR C 114 -34.87 -11.38 23.20
N ALA C 115 -34.43 -10.19 22.77
CA ALA C 115 -33.25 -10.10 21.92
C ALA C 115 -32.51 -8.78 22.13
N ARG C 116 -31.18 -8.83 21.93
CA ARG C 116 -30.35 -7.64 21.84
C ARG C 116 -29.61 -7.64 20.51
N GLU C 117 -29.85 -6.60 19.70
CA GLU C 117 -29.29 -6.52 18.37
C GLU C 117 -28.28 -5.37 18.30
N LEU C 118 -27.08 -5.69 17.81
CA LEU C 118 -26.05 -4.70 17.57
C LEU C 118 -25.56 -4.86 16.14
N TYR C 119 -25.50 -3.74 15.43
CA TYR C 119 -24.95 -3.71 14.08
C TYR C 119 -23.80 -2.71 14.07
N ALA C 120 -22.79 -2.98 13.24
CA ALA C 120 -21.63 -2.13 13.16
C ALA C 120 -21.03 -2.20 11.77
N ASN C 121 -20.32 -1.14 11.38
CA ASN C 121 -19.56 -1.10 10.15
C ASN C 121 -18.15 -1.53 10.48
N VAL C 122 -17.76 -2.72 10.01
CA VAL C 122 -16.54 -3.38 10.41
C VAL C 122 -15.46 -3.04 9.41
N VAL C 123 -14.29 -2.62 9.91
CA VAL C 123 -13.17 -2.25 9.05
C VAL C 123 -12.30 -3.48 8.81
N LEU C 124 -12.18 -3.90 7.55
CA LEU C 124 -11.27 -4.97 7.16
C LEU C 124 -10.02 -4.36 6.55
N GLY C 125 -9.31 -5.11 5.69
CA GLY C 125 -8.02 -4.66 5.20
C GLY C 125 -8.05 -3.33 4.45
N ASP C 126 -8.81 -3.30 3.35
CA ASP C 126 -8.84 -2.13 2.46
C ASP C 126 -10.24 -1.51 2.40
N ASP C 127 -11.26 -2.21 2.90
CA ASP C 127 -12.63 -1.70 2.81
C ASP C 127 -13.38 -2.04 4.10
N SER C 128 -14.66 -1.64 4.15
CA SER C 128 -15.52 -1.89 5.29
C SER C 128 -16.73 -2.72 4.88
N LEU C 129 -17.31 -3.41 5.87
CA LEU C 129 -18.58 -4.10 5.72
C LEU C 129 -19.61 -3.33 6.55
N ASN C 130 -20.63 -2.77 5.91
CA ASN C 130 -21.61 -1.97 6.62
C ASN C 130 -22.70 -2.88 7.20
N ASP C 131 -23.21 -2.47 8.37
CA ASP C 131 -24.35 -3.13 9.02
C ASP C 131 -24.10 -4.63 9.18
N CYS C 132 -22.94 -4.99 9.75
CA CYS C 132 -22.72 -6.35 10.21
C CYS C 132 -23.49 -6.57 11.51
N ARG C 133 -24.15 -7.73 11.59
CA ARG C 133 -24.79 -8.19 12.81
C ARG C 133 -23.70 -8.76 13.71
N ILE C 134 -23.52 -8.15 14.89
CA ILE C 134 -22.49 -8.53 15.84
C ILE C 134 -23.07 -9.52 16.85
N ILE C 135 -22.45 -10.69 16.96
CA ILE C 135 -22.95 -11.75 17.81
C ILE C 135 -22.52 -11.50 19.25
N PHE C 136 -21.25 -11.13 19.46
CA PHE C 136 -20.68 -11.10 20.80
C PHE C 136 -20.81 -9.70 21.39
N VAL C 137 -22.05 -9.34 21.76
CA VAL C 137 -22.42 -7.99 22.16
C VAL C 137 -21.93 -7.68 23.58
N ASP C 138 -21.54 -8.69 24.35
CA ASP C 138 -20.98 -8.50 25.68
C ASP C 138 -19.45 -8.53 25.68
N GLU C 139 -18.82 -8.54 24.49
CA GLU C 139 -17.37 -8.54 24.39
C GLU C 139 -16.90 -7.41 23.48
N VAL C 140 -17.51 -6.23 23.61
CA VAL C 140 -17.10 -5.08 22.82
C VAL C 140 -16.07 -4.30 23.62
N PHE C 141 -14.91 -4.05 23.01
CA PHE C 141 -13.79 -3.43 23.69
C PHE C 141 -13.69 -1.95 23.33
N LYS C 142 -13.37 -1.15 24.34
CA LYS C 142 -12.95 0.23 24.15
C LYS C 142 -11.58 0.22 23.50
N ILE C 143 -11.37 1.12 22.54
CA ILE C 143 -10.06 1.31 21.95
C ILE C 143 -9.30 2.27 22.84
N GLU C 144 -8.15 1.80 23.35
CA GLU C 144 -7.29 2.60 24.20
C GLU C 144 -6.77 3.82 23.41
N ARG C 145 -7.03 5.01 23.94
CA ARG C 145 -6.59 6.25 23.33
C ARG C 145 -5.18 6.56 23.84
N PRO C 146 -4.24 7.03 22.97
CA PRO C 146 -2.82 7.09 23.33
C PRO C 146 -2.53 7.87 24.61
N GLY C 147 -1.72 7.27 25.49
CA GLY C 147 -1.20 7.96 26.66
C GLY C 147 -2.04 7.69 27.91
N GLU C 148 -3.35 7.54 27.74
CA GLU C 148 -4.27 7.38 28.86
C GLU C 148 -4.22 5.93 29.33
N GLY C 149 -4.44 5.74 30.64
CA GLY C 149 -4.32 4.42 31.26
C GLY C 149 -2.87 3.95 31.37
N SER C 150 -2.66 2.88 32.15
CA SER C 150 -1.33 2.38 32.47
C SER C 150 -0.90 1.35 31.42
N PRO C 151 0.41 1.27 31.05
CA PRO C 151 0.88 0.18 30.19
C PRO C 151 0.63 -1.21 30.76
N MET C 152 0.18 -2.14 29.90
CA MET C 152 0.00 -3.52 30.29
C MET C 152 1.34 -4.24 30.12
N VAL C 153 1.92 -4.67 31.25
CA VAL C 153 3.24 -5.30 31.26
C VAL C 153 3.15 -6.69 31.89
N ASP C 154 1.99 -7.01 32.50
CA ASP C 154 1.72 -8.31 33.08
C ASP C 154 0.21 -8.53 33.09
N ASN C 155 -0.23 -9.69 33.60
CA ASN C 155 -1.64 -9.95 33.87
C ASN C 155 -2.47 -9.55 32.67
N PRO C 156 -2.27 -10.16 31.48
CA PRO C 156 -2.94 -9.70 30.27
C PRO C 156 -4.40 -10.10 30.20
N MET C 157 -5.24 -9.20 29.66
CA MET C 157 -6.64 -9.49 29.40
C MET C 157 -6.72 -10.46 28.20
N ARG C 158 -7.35 -11.62 28.42
CA ARG C 158 -7.43 -12.68 27.41
C ARG C 158 -8.68 -12.49 26.54
N ARG C 159 -8.52 -12.65 25.22
CA ARG C 159 -9.63 -12.62 24.28
C ARG C 159 -9.74 -13.97 23.59
N LYS C 160 -10.97 -14.35 23.22
CA LYS C 160 -11.18 -15.55 22.43
C LYS C 160 -11.25 -15.19 20.94
N SER C 161 -10.58 -16.00 20.12
CA SER C 161 -10.54 -15.83 18.68
C SER C 161 -10.82 -17.17 17.99
N GLY C 162 -11.39 -17.10 16.79
CA GLY C 162 -11.65 -18.27 15.98
C GLY C 162 -13.01 -18.88 16.33
N PRO C 163 -13.63 -19.67 15.41
CA PRO C 163 -14.90 -20.32 15.71
C PRO C 163 -14.87 -21.15 17.00
N SER C 164 -15.93 -21.02 17.81
CA SER C 164 -15.93 -21.61 19.13
C SER C 164 -16.56 -23.00 19.12
N CYS C 165 -16.01 -23.89 19.94
CA CYS C 165 -16.57 -25.22 20.16
C CYS C 165 -18.02 -25.08 20.60
N LYS C 166 -18.92 -25.89 20.04
CA LYS C 166 -20.34 -25.72 20.33
C LYS C 166 -20.74 -26.36 21.65
N HIS C 167 -19.87 -27.19 22.23
CA HIS C 167 -20.17 -27.81 23.52
C HIS C 167 -19.94 -26.81 24.66
N CYS C 168 -18.83 -26.07 24.60
CA CYS C 168 -18.35 -25.33 25.75
C CYS C 168 -18.25 -23.82 25.47
N LYS C 169 -18.48 -23.39 24.23
CA LYS C 169 -18.35 -22.01 23.79
C LYS C 169 -16.98 -21.43 24.11
N ASP C 170 -15.95 -22.27 24.25
CA ASP C 170 -14.58 -21.82 24.51
C ASP C 170 -14.46 -21.08 25.85
N ASP C 171 -15.45 -21.25 26.74
CA ASP C 171 -15.40 -20.66 28.07
C ASP C 171 -14.18 -21.22 28.81
N VAL C 172 -13.24 -20.34 29.18
CA VAL C 172 -11.97 -20.77 29.74
C VAL C 172 -12.15 -21.36 31.15
N ASN C 173 -13.31 -21.12 31.75
CA ASN C 173 -13.60 -21.66 33.08
C ASN C 173 -14.35 -22.98 33.00
N ARG C 174 -14.64 -23.47 31.79
CA ARG C 174 -15.30 -24.75 31.62
C ARG C 174 -14.31 -25.79 31.11
N LEU C 175 -14.48 -27.03 31.57
CA LEU C 175 -13.76 -28.17 31.03
C LEU C 175 -14.51 -28.62 29.77
N CYS C 176 -13.78 -29.33 28.89
CA CYS C 176 -14.42 -29.92 27.73
C CYS C 176 -13.52 -31.02 27.16
N ARG C 177 -14.11 -32.23 27.05
CA ARG C 177 -13.36 -33.40 26.59
C ARG C 177 -13.45 -33.49 25.07
N VAL C 178 -14.23 -32.58 24.47
CA VAL C 178 -14.37 -32.55 23.03
C VAL C 178 -13.25 -31.72 22.41
N CYS C 179 -13.01 -30.50 22.91
CA CYS C 179 -12.04 -29.60 22.28
C CYS C 179 -10.74 -29.50 23.08
N ALA C 180 -10.71 -29.97 24.34
CA ALA C 180 -9.48 -30.01 25.11
C ALA C 180 -9.19 -31.47 25.51
N CYS C 181 -8.50 -31.71 26.64
CA CYS C 181 -8.02 -33.05 26.95
C CYS C 181 -9.21 -34.02 27.03
N HIS C 182 -9.09 -35.08 26.23
CA HIS C 182 -10.17 -36.05 26.07
C HIS C 182 -10.42 -36.82 27.38
N LEU C 183 -9.42 -36.84 28.27
CA LEU C 183 -9.50 -37.60 29.52
C LEU C 183 -9.97 -36.71 30.68
N CYS C 184 -9.35 -35.54 30.90
CA CYS C 184 -9.71 -34.72 32.05
C CYS C 184 -10.55 -33.50 31.65
N GLY C 185 -10.55 -33.15 30.35
CA GLY C 185 -11.31 -31.98 29.91
C GLY C 185 -10.58 -30.66 30.13
N GLY C 186 -9.30 -30.73 30.52
CA GLY C 186 -8.55 -29.55 30.92
C GLY C 186 -7.87 -28.83 29.76
N ARG C 187 -7.81 -27.51 29.87
CA ARG C 187 -7.28 -26.62 28.84
C ARG C 187 -5.79 -26.32 29.04
N GLN C 188 -5.29 -26.57 30.26
CA GLN C 188 -3.95 -26.15 30.63
C GLN C 188 -2.92 -27.00 29.88
N ASP C 189 -1.71 -26.43 29.73
CA ASP C 189 -0.57 -27.06 29.10
C ASP C 189 -0.94 -27.62 27.72
N PRO C 190 -1.52 -26.80 26.81
CA PRO C 190 -1.86 -27.27 25.47
C PRO C 190 -0.63 -27.72 24.67
N ASP C 191 0.54 -27.18 25.04
CA ASP C 191 1.82 -27.60 24.46
C ASP C 191 2.20 -29.01 24.90
N LYS C 192 1.51 -29.57 25.90
CA LYS C 192 1.82 -30.90 26.39
C LYS C 192 0.61 -31.82 26.25
N GLN C 193 -0.34 -31.45 25.38
CA GLN C 193 -1.44 -32.33 25.01
C GLN C 193 -1.19 -32.86 23.61
N LEU C 194 -1.08 -34.18 23.48
CA LEU C 194 -0.77 -34.81 22.22
C LEU C 194 -2.06 -35.02 21.43
N MET C 195 -1.94 -34.92 20.10
CA MET C 195 -3.08 -35.08 19.21
C MET C 195 -2.96 -36.42 18.48
N CYS C 196 -3.96 -37.28 18.66
CA CYS C 196 -3.95 -38.57 18.00
C CYS C 196 -4.06 -38.39 16.49
N ASP C 197 -3.15 -39.01 15.74
CA ASP C 197 -3.13 -38.91 14.30
C ASP C 197 -4.31 -39.65 13.67
N GLU C 198 -5.02 -40.48 14.44
CA GLU C 198 -6.21 -41.19 13.97
C GLU C 198 -7.47 -40.39 14.32
N CYS C 199 -7.82 -40.31 15.61
CA CYS C 199 -9.11 -39.75 16.03
C CYS C 199 -9.04 -38.23 16.23
N ASP C 200 -7.82 -37.68 16.29
CA ASP C 200 -7.58 -36.24 16.43
C ASP C 200 -8.09 -35.68 17.76
N MET C 201 -8.13 -36.50 18.82
CA MET C 201 -8.45 -36.04 20.16
C MET C 201 -7.16 -35.68 20.88
N ALA C 202 -7.27 -34.83 21.91
CA ALA C 202 -6.13 -34.30 22.66
C ALA C 202 -5.94 -35.08 23.96
N PHE C 203 -4.67 -35.24 24.38
CA PHE C 203 -4.35 -35.98 25.60
C PHE C 203 -3.13 -35.35 26.31
N HIS C 204 -3.35 -34.82 27.51
CA HIS C 204 -2.24 -34.47 28.39
C HIS C 204 -1.30 -35.66 28.52
N ILE C 205 0.02 -35.39 28.42
CA ILE C 205 1.04 -36.40 28.63
C ILE C 205 0.88 -37.02 30.02
N TYR C 206 0.40 -36.26 31.01
CA TYR C 206 0.31 -36.73 32.39
C TYR C 206 -1.04 -37.38 32.69
N CYS C 207 -1.98 -37.43 31.73
CA CYS C 207 -3.25 -38.11 31.95
C CYS C 207 -3.25 -39.50 31.32
N LEU C 208 -2.27 -39.77 30.45
CA LEU C 208 -2.10 -41.10 29.86
C LEU C 208 -1.69 -42.10 30.94
N ASP C 209 -1.87 -43.40 30.64
CA ASP C 209 -1.52 -44.46 31.57
C ASP C 209 -0.80 -45.56 30.81
N PRO C 210 0.55 -45.70 30.91
CA PRO C 210 1.37 -44.87 31.82
C PRO C 210 1.55 -43.43 31.34
N PRO C 211 1.71 -42.44 32.25
CA PRO C 211 1.97 -41.07 31.83
C PRO C 211 3.32 -40.95 31.12
N LEU C 212 3.46 -39.93 30.27
CA LEU C 212 4.73 -39.61 29.64
C LEU C 212 5.34 -38.39 30.33
N SER C 213 6.67 -38.40 30.45
CA SER C 213 7.40 -37.37 31.18
C SER C 213 7.57 -36.13 30.30
N SER C 214 7.56 -36.32 28.97
CA SER C 214 7.70 -35.21 28.03
C SER C 214 7.01 -35.55 26.70
N VAL C 215 6.93 -34.54 25.83
CA VAL C 215 6.37 -34.70 24.50
C VAL C 215 7.28 -35.60 23.67
N PRO C 216 6.81 -36.73 23.13
CA PRO C 216 7.67 -37.62 22.33
C PRO C 216 8.27 -36.93 21.12
N SER C 217 9.50 -37.33 20.76
CA SER C 217 10.17 -36.83 19.57
C SER C 217 9.99 -37.83 18.44
N GLU C 218 8.80 -37.79 17.84
CA GLU C 218 8.40 -38.73 16.80
C GLU C 218 7.76 -37.93 15.67
N ASP C 219 7.55 -38.60 14.53
CA ASP C 219 6.79 -38.02 13.43
C ASP C 219 5.30 -38.14 13.73
N GLU C 220 4.91 -39.21 14.44
CA GLU C 220 3.50 -39.55 14.62
C GLU C 220 3.24 -40.00 16.05
N TRP C 221 1.95 -40.02 16.42
CA TRP C 221 1.50 -40.50 17.72
C TRP C 221 0.04 -40.92 17.63
N TYR C 222 -0.28 -42.06 18.27
CA TYR C 222 -1.64 -42.59 18.31
C TYR C 222 -2.04 -42.82 19.78
N CYS C 223 -3.30 -42.54 20.11
CA CYS C 223 -3.79 -42.61 21.48
C CYS C 223 -3.99 -44.07 21.89
N PRO C 224 -4.19 -44.37 23.19
CA PRO C 224 -4.44 -45.75 23.64
C PRO C 224 -5.52 -46.51 22.88
N GLU C 225 -6.60 -45.82 22.48
CA GLU C 225 -7.73 -46.47 21.83
C GLU C 225 -7.43 -46.77 20.37
N CYS C 226 -6.60 -45.95 19.71
CA CYS C 226 -6.34 -46.10 18.29
C CYS C 226 -5.06 -46.92 18.04
N ARG C 227 -4.37 -47.34 19.11
CA ARG C 227 -3.26 -48.29 19.01
C ARG C 227 -2.13 -47.65 18.22
N VAL D 11 5.33 -34.38 16.33
CA VAL D 11 4.06 -34.79 16.99
C VAL D 11 3.23 -33.52 17.21
N ARG D 12 1.94 -33.61 16.86
CA ARG D 12 1.05 -32.46 16.95
C ARG D 12 0.57 -32.30 18.40
N THR D 13 0.55 -31.05 18.88
CA THR D 13 0.05 -30.70 20.18
C THR D 13 -1.26 -29.92 20.05
N LEU D 14 -2.01 -29.81 21.16
CA LEU D 14 -3.25 -29.06 21.14
C LEU D 14 -2.96 -27.63 20.74
N LEU D 15 -1.87 -27.07 21.29
CA LEU D 15 -1.51 -25.68 21.02
C LEU D 15 -1.23 -25.50 19.53
N SER D 16 -0.44 -26.40 18.93
CA SER D 16 -0.11 -26.29 17.52
C SER D 16 -1.38 -26.34 16.68
N VAL D 17 -2.35 -27.15 17.08
CA VAL D 17 -3.58 -27.31 16.30
C VAL D 17 -4.49 -26.09 16.52
N GLN D 18 -4.56 -25.57 17.74
CA GLN D 18 -5.34 -24.36 18.00
C GLN D 18 -4.84 -23.22 17.10
N ARG D 19 -3.50 -23.12 16.99
CA ARG D 19 -2.90 -22.05 16.23
C ARG D 19 -3.08 -22.28 14.73
N GLU D 20 -3.04 -23.54 14.29
CA GLU D 20 -3.22 -23.88 12.89
C GLU D 20 -4.63 -23.46 12.44
N LYS D 21 -5.64 -23.66 13.28
CA LYS D 21 -7.01 -23.30 12.93
C LYS D 21 -7.15 -21.79 12.75
N MET D 22 -6.51 -21.03 13.65
CA MET D 22 -6.53 -19.59 13.52
C MET D 22 -5.77 -19.15 12.27
N ALA D 23 -4.62 -19.77 12.02
CA ALA D 23 -3.80 -19.45 10.86
C ALA D 23 -4.57 -19.75 9.58
N ARG D 24 -5.33 -20.85 9.55
CA ARG D 24 -6.14 -21.22 8.40
C ARG D 24 -7.14 -20.10 8.11
N LEU D 25 -7.83 -19.62 9.14
CA LEU D 25 -8.83 -18.60 8.93
C LEU D 25 -8.17 -17.32 8.41
N ARG D 26 -7.04 -16.98 9.03
CA ARG D 26 -6.37 -15.73 8.75
C ARG D 26 -5.83 -15.70 7.32
N TYR D 27 -5.18 -16.80 6.91
CA TYR D 27 -4.29 -16.79 5.76
C TYR D 27 -4.89 -17.50 4.56
N MET D 28 -5.75 -18.50 4.76
CA MET D 28 -6.38 -19.21 3.67
C MET D 28 -7.77 -18.66 3.37
N LEU D 29 -8.46 -18.05 4.34
CA LEU D 29 -9.85 -17.66 4.10
C LEU D 29 -10.03 -16.15 4.02
N LEU D 30 -9.28 -15.35 4.81
CA LEU D 30 -9.64 -13.96 5.02
C LEU D 30 -8.71 -12.99 4.27
N GLY D 31 -7.59 -13.49 3.75
CA GLY D 31 -6.77 -12.69 2.86
C GLY D 31 -5.48 -12.19 3.51
N GLY D 32 -5.11 -12.77 4.66
CA GLY D 32 -3.77 -12.58 5.19
C GLY D 32 -2.72 -13.14 4.24
N VAL D 33 -1.51 -12.57 4.27
CA VAL D 33 -0.43 -13.02 3.39
C VAL D 33 0.76 -13.40 4.26
N ARG D 34 1.18 -14.66 4.19
CA ARG D 34 2.40 -15.14 4.85
C ARG D 34 3.64 -14.59 4.16
N THR D 35 4.66 -14.24 4.96
CA THR D 35 5.98 -13.85 4.45
C THR D 35 6.63 -15.02 3.71
N GLY E 1 32.71 48.42 -23.88
CA GLY E 1 31.57 47.62 -24.40
C GLY E 1 30.52 47.36 -23.31
N PRO E 2 29.70 46.30 -23.45
CA PRO E 2 28.75 45.95 -22.40
C PRO E 2 29.44 45.65 -21.07
N LEU E 3 28.74 45.95 -19.98
CA LEU E 3 29.18 45.50 -18.65
C LEU E 3 28.97 43.98 -18.57
N GLY E 4 29.80 43.29 -17.77
CA GLY E 4 29.66 41.85 -17.56
C GLY E 4 28.60 41.48 -16.50
N SER E 5 28.32 40.18 -16.34
CA SER E 5 27.39 39.69 -15.33
C SER E 5 27.78 40.17 -13.94
N LEU E 6 26.79 40.29 -13.04
CA LEU E 6 27.08 40.72 -11.69
C LEU E 6 27.90 39.68 -10.95
N TYR E 7 27.62 38.38 -11.20
CA TYR E 7 28.27 37.31 -10.46
C TYR E 7 29.00 36.42 -11.46
N LYS E 8 30.08 35.76 -10.99
CA LYS E 8 30.96 35.00 -11.85
C LYS E 8 30.92 33.53 -11.45
N VAL E 9 31.39 32.68 -12.37
CA VAL E 9 31.62 31.27 -12.11
C VAL E 9 32.48 31.13 -10.87
N ASN E 10 32.08 30.18 -10.01
CA ASN E 10 32.74 29.78 -8.77
C ASN E 10 32.46 30.75 -7.63
N GLU E 11 31.70 31.81 -7.87
CA GLU E 11 31.44 32.77 -6.81
C GLU E 11 30.44 32.16 -5.82
N TYR E 12 30.58 32.54 -4.55
CA TYR E 12 29.65 32.13 -3.51
C TYR E 12 28.50 33.14 -3.48
N VAL E 13 27.28 32.61 -3.57
CA VAL E 13 26.10 33.43 -3.69
C VAL E 13 25.05 32.95 -2.70
N ASP E 14 23.99 33.76 -2.59
CA ASP E 14 22.72 33.32 -2.05
C ASP E 14 21.74 33.23 -3.21
N ALA E 15 20.93 32.17 -3.19
CA ALA E 15 19.94 31.89 -4.22
C ALA E 15 18.57 31.78 -3.57
N ARG E 16 17.58 32.48 -4.12
CA ARG E 16 16.27 32.59 -3.48
C ARG E 16 15.35 31.51 -4.02
N ASP E 17 14.67 30.83 -3.10
CA ASP E 17 13.57 29.93 -3.42
C ASP E 17 12.33 30.79 -3.62
N THR E 18 11.77 30.77 -4.84
CA THR E 18 10.70 31.69 -5.19
C THR E 18 9.36 31.25 -4.61
N ASN E 19 9.29 30.00 -4.13
CA ASN E 19 8.09 29.46 -3.52
C ASN E 19 7.96 29.94 -2.09
N MET E 20 9.06 29.95 -1.33
CA MET E 20 8.95 30.26 0.08
C MET E 20 9.65 31.56 0.45
N GLY E 21 10.48 32.09 -0.45
CA GLY E 21 11.09 33.42 -0.27
C GLY E 21 12.44 33.41 0.44
N ALA E 22 12.90 32.25 0.92
CA ALA E 22 14.14 32.18 1.68
C ALA E 22 15.35 32.19 0.74
N TRP E 23 16.48 32.67 1.27
CA TRP E 23 17.76 32.76 0.59
C TRP E 23 18.70 31.67 1.10
N PHE E 24 19.22 30.86 0.16
CA PHE E 24 20.02 29.69 0.48
C PHE E 24 21.43 29.80 -0.11
N GLU E 25 22.42 29.30 0.63
CA GLU E 25 23.81 29.34 0.21
C GLU E 25 24.02 28.46 -1.01
N ALA E 26 24.67 29.02 -2.02
CA ALA E 26 24.94 28.29 -3.26
C ALA E 26 26.21 28.79 -3.91
N GLN E 27 26.67 28.05 -4.90
CA GLN E 27 27.85 28.41 -5.65
C GLN E 27 27.52 28.39 -7.14
N VAL E 28 27.97 29.42 -7.84
CA VAL E 28 27.76 29.53 -9.27
C VAL E 28 28.69 28.55 -10.00
N VAL E 29 28.08 27.74 -10.87
CA VAL E 29 28.76 26.70 -11.62
C VAL E 29 28.87 27.12 -13.09
N ARG E 30 27.92 27.94 -13.58
CA ARG E 30 27.94 28.43 -14.94
C ARG E 30 27.09 29.70 -15.02
N VAL E 31 27.42 30.55 -15.98
CA VAL E 31 26.65 31.72 -16.32
C VAL E 31 26.35 31.64 -17.81
N THR E 32 25.07 31.66 -18.19
CA THR E 32 24.70 31.65 -19.60
C THR E 32 23.87 32.88 -19.94
N ARG E 33 24.08 33.32 -21.19
CA ARG E 33 23.53 34.55 -21.72
C ARG E 33 22.16 34.22 -22.28
N LYS E 34 21.15 34.96 -21.82
CA LYS E 34 19.77 34.78 -22.26
C LYS E 34 19.48 35.89 -23.27
N ALA E 35 18.99 35.48 -24.45
CA ALA E 35 18.54 36.41 -25.49
C ALA E 35 17.03 36.67 -25.36
N PRO E 36 16.54 37.90 -25.64
CA PRO E 36 15.10 38.15 -25.71
C PRO E 36 14.47 37.31 -26.81
N SER E 37 13.25 36.83 -26.59
CA SER E 37 12.58 35.99 -27.58
C SER E 37 12.43 36.67 -28.94
N ARG E 38 11.96 37.93 -28.97
CA ARG E 38 11.60 38.58 -30.22
C ARG E 38 12.87 38.98 -31.00
N ALA E 40 16.84 41.96 -30.21
CA ALA E 40 16.11 43.15 -29.70
C ALA E 40 16.84 43.74 -28.50
N LEU E 41 18.19 43.75 -28.56
CA LEU E 41 19.08 44.55 -27.71
C LEU E 41 19.17 44.04 -26.27
N GLU E 42 18.05 43.66 -25.64
CA GLU E 42 18.02 43.43 -24.21
C GLU E 42 18.82 42.19 -23.87
N GLU E 43 19.50 42.21 -22.72
CA GLU E 43 20.37 41.12 -22.32
C GLU E 43 20.05 40.73 -20.88
N ASP E 44 20.13 39.43 -20.59
CA ASP E 44 19.96 38.90 -19.24
C ASP E 44 20.88 37.68 -19.09
N VAL E 45 21.06 37.21 -17.87
CA VAL E 45 21.83 36.00 -17.62
C VAL E 45 21.00 35.02 -16.80
N ILE E 46 21.33 33.75 -16.99
CA ILE E 46 20.90 32.66 -16.14
C ILE E 46 22.12 32.14 -15.38
N TYR E 47 21.96 32.01 -14.06
CA TYR E 47 22.98 31.46 -13.18
C TYR E 47 22.65 29.98 -12.94
N HIS E 48 23.63 29.12 -13.20
CA HIS E 48 23.53 27.70 -12.88
C HIS E 48 24.25 27.48 -11.55
N VAL E 49 23.52 27.05 -10.51
CA VAL E 49 24.10 27.00 -9.18
C VAL E 49 23.91 25.61 -8.57
N LYS E 50 24.81 25.31 -7.61
CA LYS E 50 24.65 24.14 -6.74
C LYS E 50 24.51 24.64 -5.30
N TYR E 51 23.56 24.03 -4.57
CA TYR E 51 23.23 24.44 -3.22
C TYR E 51 24.08 23.63 -2.23
N ASP E 52 24.71 24.34 -1.28
CA ASP E 52 25.57 23.72 -0.29
C ASP E 52 24.85 22.57 0.43
N ASP E 53 23.62 22.83 0.87
CA ASP E 53 22.94 21.92 1.78
C ASP E 53 21.91 21.05 1.08
N TYR E 54 21.76 21.22 -0.24
CA TYR E 54 20.74 20.49 -0.99
C TYR E 54 21.37 19.90 -2.26
N PRO E 55 22.43 19.08 -2.15
CA PRO E 55 23.11 18.51 -3.33
C PRO E 55 22.21 17.60 -4.16
N GLU E 56 21.19 17.03 -3.52
CA GLU E 56 20.22 16.18 -4.20
C GLU E 56 19.39 16.96 -5.22
N ASN E 57 19.42 18.31 -5.15
CA ASN E 57 18.75 19.12 -6.14
C ASN E 57 19.59 19.25 -7.42
N GLY E 58 20.87 18.87 -7.36
CA GLY E 58 21.76 19.00 -8.49
C GLY E 58 22.04 20.46 -8.86
N VAL E 59 22.39 20.67 -10.12
CA VAL E 59 22.68 21.99 -10.66
C VAL E 59 21.37 22.61 -11.12
N VAL E 60 21.09 23.83 -10.64
CA VAL E 60 19.79 24.45 -10.81
C VAL E 60 19.97 25.76 -11.56
N GLN E 61 19.12 25.98 -12.57
CA GLN E 61 19.07 27.26 -13.26
C GLN E 61 18.29 28.27 -12.42
N MET E 62 18.85 29.46 -12.27
CA MET E 62 18.25 30.54 -11.49
C MET E 62 18.10 31.76 -12.39
N ASN E 63 16.94 32.43 -12.30
CA ASN E 63 16.74 33.76 -12.82
C ASN E 63 17.68 34.71 -12.07
N SER E 64 18.20 35.71 -12.79
CA SER E 64 19.17 36.66 -12.26
C SER E 64 18.64 37.39 -11.03
N ARG E 65 17.34 37.65 -10.96
CA ARG E 65 16.77 38.38 -9.83
C ARG E 65 16.83 37.52 -8.56
N ASP E 66 17.07 36.21 -8.68
CA ASP E 66 17.05 35.32 -7.54
C ASP E 66 18.46 34.91 -7.10
N VAL E 67 19.48 35.67 -7.53
CA VAL E 67 20.85 35.41 -7.11
C VAL E 67 21.47 36.71 -6.63
N ARG E 68 22.25 36.65 -5.55
CA ARG E 68 23.03 37.80 -5.15
C ARG E 68 24.25 37.34 -4.36
N ALA E 69 25.15 38.28 -4.07
CA ALA E 69 26.40 37.96 -3.39
C ALA E 69 26.08 37.44 -2.01
N ARG E 70 26.82 36.41 -1.59
CA ARG E 70 26.64 35.78 -0.30
C ARG E 70 26.68 36.86 0.78
N ALA E 71 25.71 36.83 1.69
CA ALA E 71 25.69 37.71 2.84
C ALA E 71 26.98 37.53 3.64
N ARG E 72 27.55 38.63 4.11
CA ARG E 72 28.83 38.59 4.80
C ARG E 72 28.91 39.59 5.95
N THR E 73 28.15 40.69 5.91
CA THR E 73 28.27 41.73 6.92
C THR E 73 27.04 41.74 7.84
N ILE E 74 27.31 41.61 9.14
CA ILE E 74 26.27 41.73 10.16
C ILE E 74 26.12 43.19 10.57
N ILE E 75 24.87 43.65 10.61
CA ILE E 75 24.52 44.95 11.16
C ILE E 75 24.28 44.75 12.65
N LYS E 76 25.16 45.33 13.48
CA LYS E 76 25.08 45.18 14.91
C LYS E 76 23.80 45.85 15.44
N TRP E 77 23.36 45.37 16.60
CA TRP E 77 22.10 45.79 17.21
C TRP E 77 21.94 47.30 17.17
N GLN E 78 22.99 48.04 17.54
CA GLN E 78 22.90 49.47 17.71
C GLN E 78 22.67 50.17 16.36
N ASP E 79 23.08 49.53 15.27
CA ASP E 79 23.03 50.14 13.94
C ASP E 79 21.71 49.83 13.23
N LEU E 80 20.89 48.91 13.78
CA LEU E 80 19.60 48.60 13.19
C LEU E 80 18.65 49.79 13.34
N GLU E 81 17.83 50.03 12.31
CA GLU E 81 16.84 51.10 12.35
C GLU E 81 15.59 50.69 11.57
N VAL E 82 14.43 51.13 12.10
CA VAL E 82 13.16 50.99 11.43
C VAL E 82 13.31 51.45 9.99
N GLY E 83 12.75 50.68 9.05
CA GLY E 83 12.78 51.03 7.64
C GLY E 83 13.91 50.39 6.84
N GLN E 84 14.96 49.92 7.52
CA GLN E 84 16.02 49.16 6.86
C GLN E 84 15.46 47.85 6.31
N VAL E 85 15.90 47.50 5.10
CA VAL E 85 15.63 46.20 4.51
C VAL E 85 16.89 45.36 4.63
N VAL E 86 16.76 44.24 5.34
CA VAL E 86 17.88 43.40 5.75
C VAL E 86 17.54 41.95 5.45
N MET E 87 18.50 41.04 5.67
CA MET E 87 18.26 39.61 5.64
C MET E 87 18.43 39.06 7.05
N LEU E 88 17.40 38.43 7.60
CA LEU E 88 17.43 37.94 8.97
C LEU E 88 16.78 36.57 9.06
N ASN E 89 16.90 35.94 10.23
CA ASN E 89 16.41 34.58 10.41
C ASN E 89 15.00 34.58 11.00
N TYR E 90 14.10 33.78 10.44
CA TYR E 90 12.74 33.63 10.94
C TYR E 90 12.20 32.26 10.52
N ASN E 91 11.28 31.72 11.33
CA ASN E 91 10.65 30.44 11.05
C ASN E 91 9.13 30.59 11.03
N PRO E 92 8.49 30.77 9.86
CA PRO E 92 7.05 30.96 9.78
C PRO E 92 6.23 29.78 10.30
N ASP E 93 6.84 28.58 10.24
CA ASP E 93 6.17 27.36 10.70
C ASP E 93 6.18 27.30 12.23
N ASN E 94 7.19 27.91 12.87
CA ASN E 94 7.31 27.87 14.32
C ASN E 94 8.10 29.10 14.76
N PRO E 95 7.44 30.26 14.90
CA PRO E 95 8.14 31.54 15.14
C PRO E 95 9.07 31.63 16.34
N LYS E 96 8.98 30.69 17.28
CA LYS E 96 9.85 30.71 18.45
C LYS E 96 11.12 29.91 18.18
N GLU E 97 11.24 29.33 16.99
CA GLU E 97 12.38 28.50 16.64
C GLU E 97 13.18 29.20 15.52
N ARG E 98 14.48 28.89 15.40
CA ARG E 98 15.28 29.26 14.24
C ARG E 98 14.68 28.62 12.99
N GLY E 99 14.74 29.39 11.89
CA GLY E 99 14.28 28.90 10.60
C GLY E 99 15.28 29.25 9.51
N PHE E 100 14.79 29.96 8.49
CA PHE E 100 15.56 30.25 7.30
C PHE E 100 15.79 31.76 7.22
N TRP E 101 16.43 32.19 6.11
CA TRP E 101 16.92 33.54 5.94
C TRP E 101 16.05 34.26 4.92
N TYR E 102 15.48 35.39 5.35
CA TYR E 102 14.50 36.10 4.55
C TYR E 102 14.85 37.56 4.52
N ASP E 103 14.50 38.23 3.42
CA ASP E 103 14.49 39.68 3.39
C ASP E 103 13.37 40.16 4.31
N ALA E 104 13.61 41.27 4.98
CA ALA E 104 12.63 41.83 5.91
C ALA E 104 12.88 43.31 6.09
N GLU E 105 11.78 44.07 6.22
CA GLU E 105 11.84 45.48 6.57
C GLU E 105 11.61 45.61 8.07
N ILE E 106 12.58 46.19 8.77
CA ILE E 106 12.44 46.39 10.21
C ILE E 106 11.30 47.38 10.45
N SER E 107 10.38 47.00 11.34
CA SER E 107 9.15 47.74 11.56
C SER E 107 9.06 48.30 12.98
N ARG E 108 9.86 47.80 13.92
CA ARG E 108 9.85 48.29 15.28
C ARG E 108 11.10 47.79 16.00
N LYS E 109 11.67 48.67 16.84
CA LYS E 109 12.87 48.34 17.60
C LYS E 109 12.75 48.95 19.00
N ARG E 110 12.86 48.10 20.02
CA ARG E 110 12.63 48.52 21.40
C ARG E 110 13.76 47.97 22.26
N GLU E 111 14.12 48.71 23.32
CA GLU E 111 15.24 48.34 24.16
C GLU E 111 15.00 48.79 25.60
N THR E 112 15.11 47.85 26.55
CA THR E 112 15.27 48.16 27.96
C THR E 112 16.65 47.65 28.40
N ARG E 113 16.95 47.79 29.70
CA ARG E 113 18.20 47.31 30.28
C ARG E 113 18.27 45.78 30.24
N THR E 114 17.12 45.09 30.16
CA THR E 114 17.10 43.65 30.28
C THR E 114 16.67 42.94 28.99
N ALA E 115 16.13 43.67 28.00
CA ALA E 115 15.49 43.02 26.87
C ALA E 115 15.60 43.86 25.59
N ARG E 116 15.73 43.15 24.46
CA ARG E 116 15.83 43.76 23.14
C ARG E 116 14.78 43.14 22.22
N GLU E 117 13.89 43.98 21.69
CA GLU E 117 12.80 43.52 20.84
C GLU E 117 13.00 44.07 19.43
N LEU E 118 12.95 43.17 18.44
CA LEU E 118 12.98 43.57 17.04
C LEU E 118 11.78 42.95 16.32
N TYR E 119 11.07 43.78 15.58
CA TYR E 119 9.96 43.31 14.75
C TYR E 119 10.26 43.70 13.30
N ALA E 120 9.80 42.87 12.36
CA ALA E 120 10.06 43.12 10.95
C ALA E 120 8.92 42.55 10.12
N ASN E 121 8.73 43.13 8.94
CA ASN E 121 7.82 42.59 7.94
C ASN E 121 8.65 41.68 7.03
N VAL E 122 8.39 40.38 7.12
CA VAL E 122 9.22 39.36 6.52
C VAL E 122 8.65 39.00 5.16
N VAL E 123 9.50 39.01 4.12
CA VAL E 123 9.08 38.75 2.75
C VAL E 123 9.20 37.25 2.49
N LEU E 124 8.05 36.61 2.24
CA LEU E 124 8.00 35.23 1.86
C LEU E 124 7.83 35.15 0.33
N GLY E 125 7.34 34.01 -0.14
CA GLY E 125 7.30 33.72 -1.58
C GLY E 125 6.50 34.77 -2.37
N ASP E 126 5.20 34.90 -2.04
CA ASP E 126 4.31 35.79 -2.78
C ASP E 126 3.73 36.90 -1.89
N ASP E 127 3.96 36.84 -0.58
CA ASP E 127 3.33 37.77 0.35
C ASP E 127 4.33 38.12 1.45
N SER E 128 3.92 39.00 2.37
CA SER E 128 4.71 39.32 3.55
C SER E 128 3.95 38.95 4.84
N LEU E 129 4.71 38.75 5.91
CA LEU E 129 4.18 38.65 7.26
C LEU E 129 4.55 39.92 8.01
N ASN E 130 3.56 40.70 8.46
CA ASN E 130 3.87 41.96 9.13
C ASN E 130 4.11 41.72 10.62
N ASP E 131 5.03 42.54 11.18
CA ASP E 131 5.29 42.57 12.61
C ASP E 131 5.63 41.19 13.17
N CYS E 132 6.56 40.51 12.52
CA CYS E 132 7.13 39.29 13.07
C CYS E 132 8.14 39.65 14.16
N ARG E 133 8.07 38.92 15.27
CA ARG E 133 9.05 39.02 16.35
C ARG E 133 10.28 38.24 15.93
N ILE E 134 11.42 38.95 15.81
CA ILE E 134 12.67 38.36 15.37
C ILE E 134 13.50 37.96 16.60
N ILE E 135 13.87 36.67 16.66
CA ILE E 135 14.60 36.15 17.81
C ILE E 135 16.08 36.48 17.70
N PHE E 136 16.66 36.29 16.51
CA PHE E 136 18.12 36.30 16.39
C PHE E 136 18.60 37.70 15.98
N VAL E 137 18.54 38.62 16.95
CA VAL E 137 18.70 40.05 16.69
C VAL E 137 20.17 40.41 16.50
N ASP E 138 21.09 39.51 16.86
CA ASP E 138 22.51 39.73 16.64
C ASP E 138 23.02 39.03 15.37
N GLU E 139 22.11 38.50 14.55
CA GLU E 139 22.49 37.86 13.30
C GLU E 139 21.71 38.50 12.14
N VAL E 140 21.61 39.83 12.12
CA VAL E 140 20.92 40.53 11.05
C VAL E 140 21.95 40.92 10.01
N PHE E 141 21.73 40.51 8.76
CA PHE E 141 22.69 40.71 7.69
C PHE E 141 22.29 41.88 6.79
N LYS E 142 23.31 42.63 6.40
CA LYS E 142 23.21 43.63 5.34
C LYS E 142 23.00 42.89 4.01
N ILE E 143 22.13 43.42 3.18
CA ILE E 143 21.93 42.89 1.85
C ILE E 143 22.99 43.51 0.95
N GLU E 144 23.81 42.66 0.33
CA GLU E 144 24.80 43.14 -0.62
C GLU E 144 24.08 43.66 -1.86
N ARG E 145 24.20 44.97 -2.13
CA ARG E 145 23.57 45.58 -3.29
C ARG E 145 24.59 45.51 -4.42
N PRO E 146 24.18 45.24 -5.69
CA PRO E 146 25.12 45.16 -6.81
C PRO E 146 26.01 46.40 -6.95
N GLY E 147 27.32 46.17 -7.11
CA GLY E 147 28.26 47.25 -7.41
C GLY E 147 28.92 47.83 -6.16
N GLU E 148 28.20 47.84 -5.03
CA GLU E 148 28.66 48.52 -3.83
C GLU E 148 29.69 47.67 -3.09
N GLY E 149 29.46 46.35 -2.98
CA GLY E 149 30.41 45.45 -2.36
C GLY E 149 30.44 45.59 -0.85
N ASN E 155 36.78 34.08 2.14
CA ASN E 155 36.24 32.85 2.79
C ASN E 155 34.88 33.23 3.42
N PRO E 156 33.81 32.44 3.16
CA PRO E 156 32.45 32.91 3.41
C PRO E 156 32.07 32.90 4.89
N MET E 157 31.28 33.90 5.29
CA MET E 157 30.68 33.95 6.60
C MET E 157 29.56 32.88 6.67
N ARG E 158 29.66 31.98 7.66
CA ARG E 158 28.76 30.85 7.84
C ARG E 158 27.52 31.27 8.65
N ARG E 159 26.34 30.80 8.22
CA ARG E 159 25.07 31.09 8.88
C ARG E 159 24.47 29.79 9.40
N LYS E 160 23.72 29.86 10.50
CA LYS E 160 22.97 28.71 10.99
C LYS E 160 21.53 28.78 10.49
N SER E 161 21.01 27.63 10.04
CA SER E 161 19.65 27.49 9.56
C SER E 161 19.00 26.26 10.21
N GLY E 162 17.67 26.30 10.35
CA GLY E 162 16.92 25.20 10.91
C GLY E 162 16.88 25.26 12.44
N PRO E 163 16.28 24.24 13.11
CA PRO E 163 16.12 24.26 14.57
C PRO E 163 17.40 24.54 15.35
N SER E 164 17.27 25.39 16.36
CA SER E 164 18.35 25.93 17.17
C SER E 164 18.58 25.03 18.39
N CYS E 165 19.82 25.06 18.90
CA CYS E 165 20.14 24.51 20.20
C CYS E 165 20.09 25.62 21.26
N LYS E 166 19.32 25.37 22.32
CA LYS E 166 19.07 26.37 23.35
C LYS E 166 20.24 26.47 24.32
N HIS E 167 21.13 25.46 24.32
CA HIS E 167 22.24 25.45 25.26
C HIS E 167 23.35 26.38 24.78
N CYS E 168 23.64 26.38 23.48
CA CYS E 168 24.79 27.11 22.95
C CYS E 168 24.41 28.23 21.99
N LYS E 169 23.11 28.33 21.63
CA LYS E 169 22.62 29.32 20.68
C LYS E 169 23.38 29.27 19.36
N ASP E 170 23.88 28.08 19.02
CA ASP E 170 24.49 27.79 17.74
C ASP E 170 25.78 28.58 17.53
N ASP E 171 26.35 29.15 18.60
CA ASP E 171 27.57 29.94 18.48
C ASP E 171 28.71 29.05 17.98
N VAL E 172 29.24 29.35 16.80
CA VAL E 172 30.22 28.49 16.13
C VAL E 172 31.55 28.51 16.88
N ASN E 173 31.76 29.48 17.77
CA ASN E 173 33.00 29.57 18.52
C ASN E 173 32.87 28.89 19.88
N ARG E 174 31.69 28.35 20.18
CA ARG E 174 31.47 27.63 21.42
C ARG E 174 31.38 26.14 21.14
N LEU E 175 31.89 25.37 22.11
CA LEU E 175 31.72 23.94 22.12
C LEU E 175 30.35 23.64 22.71
N CYS E 176 29.82 22.48 22.34
CA CYS E 176 28.53 22.07 22.86
C CYS E 176 28.39 20.56 22.71
N ARG E 177 28.20 19.90 23.86
CA ARG E 177 28.11 18.46 23.92
C ARG E 177 26.66 18.04 23.72
N VAL E 178 25.75 19.01 23.65
CA VAL E 178 24.34 18.70 23.41
C VAL E 178 24.05 18.59 21.91
N CYS E 179 24.49 19.56 21.09
CA CYS E 179 24.16 19.56 19.67
C CYS E 179 25.34 19.14 18.78
N ALA E 180 26.56 19.10 19.32
CA ALA E 180 27.72 18.64 18.56
C ALA E 180 28.33 17.47 19.33
N CYS E 181 29.63 17.19 19.16
CA CYS E 181 30.21 15.96 19.69
C CYS E 181 29.99 15.87 21.19
N HIS E 182 29.36 14.77 21.61
CA HIS E 182 28.98 14.55 22.99
C HIS E 182 30.21 14.41 23.90
N LEU E 183 31.36 14.07 23.30
CA LEU E 183 32.59 13.83 24.06
C LEU E 183 33.46 15.09 24.12
N CYS E 184 33.74 15.72 22.96
CA CYS E 184 34.64 16.86 22.93
C CYS E 184 33.92 18.19 22.77
N GLY E 185 32.64 18.16 22.36
CA GLY E 185 31.86 19.38 22.15
C GLY E 185 32.16 20.07 20.82
N GLY E 186 32.95 19.42 19.94
CA GLY E 186 33.45 20.04 18.73
C GLY E 186 32.49 19.90 17.55
N ARG E 187 32.45 20.94 16.70
CA ARG E 187 31.53 21.06 15.57
C ARG E 187 32.15 20.56 14.27
N GLN E 188 33.46 20.36 14.26
CA GLN E 188 34.18 20.05 13.03
C GLN E 188 33.87 18.62 12.59
N ASP E 189 34.04 18.35 11.29
CA ASP E 189 33.83 17.06 10.67
C ASP E 189 32.47 16.47 11.04
N PRO E 190 31.35 17.22 10.83
CA PRO E 190 30.01 16.69 11.11
C PRO E 190 29.69 15.44 10.28
N ASP E 191 30.34 15.31 9.12
CA ASP E 191 30.24 14.12 8.27
C ASP E 191 30.90 12.90 8.92
N LYS E 192 31.67 13.11 9.99
CA LYS E 192 32.35 12.01 10.65
C LYS E 192 31.93 11.90 12.12
N GLN E 193 30.77 12.50 12.46
CA GLN E 193 30.17 12.34 13.77
C GLN E 193 28.97 11.40 13.65
N LEU E 194 29.00 10.28 14.37
CA LEU E 194 27.93 9.31 14.33
C LEU E 194 26.82 9.74 15.28
N MET E 195 25.57 9.45 14.88
CA MET E 195 24.40 9.82 15.66
C MET E 195 23.83 8.53 16.26
N CYS E 196 23.73 8.49 17.58
CA CYS E 196 23.16 7.35 18.27
C CYS E 196 21.68 7.25 17.93
N ASP E 197 21.25 6.05 17.48
CA ASP E 197 19.87 5.82 17.10
C ASP E 197 18.94 5.87 18.31
N GLU E 198 19.48 5.82 19.53
CA GLU E 198 18.70 5.92 20.74
C GLU E 198 18.64 7.36 21.25
N CYS E 199 19.79 7.89 21.74
CA CYS E 199 19.79 9.18 22.43
C CYS E 199 19.99 10.35 21.45
N ASP E 200 20.40 10.05 20.22
CA ASP E 200 20.56 11.03 19.13
C ASP E 200 21.67 12.03 19.45
N MET E 201 22.68 11.60 20.23
CA MET E 201 23.86 12.40 20.48
C MET E 201 24.89 12.08 19.40
N ALA E 202 25.77 13.04 19.14
CA ALA E 202 26.78 12.94 18.09
C ALA E 202 28.12 12.52 18.70
N PHE E 203 28.91 11.76 17.93
CA PHE E 203 30.22 11.29 18.36
C PHE E 203 31.18 11.26 17.17
N HIS E 204 32.22 12.10 17.22
CA HIS E 204 33.34 11.95 16.30
C HIS E 204 33.83 10.50 16.31
N ILE E 205 34.09 9.93 15.13
CA ILE E 205 34.67 8.61 15.01
C ILE E 205 36.03 8.55 15.73
N TYR E 206 36.75 9.68 15.81
CA TYR E 206 38.06 9.70 16.42
C TYR E 206 38.01 10.01 17.92
N CYS E 207 36.83 10.27 18.50
CA CYS E 207 36.71 10.51 19.93
C CYS E 207 36.23 9.25 20.66
N LEU E 208 35.71 8.28 19.91
CA LEU E 208 35.29 6.99 20.47
C LEU E 208 36.52 6.23 20.96
N ASP E 209 36.28 5.24 21.82
CA ASP E 209 37.36 4.43 22.40
C ASP E 209 36.95 2.97 22.35
N PRO E 210 37.51 2.13 21.44
CA PRO E 210 38.55 2.57 20.50
C PRO E 210 38.02 3.46 19.38
N PRO E 211 38.85 4.37 18.82
CA PRO E 211 38.41 5.20 17.69
C PRO E 211 38.15 4.37 16.44
N LEU E 212 37.26 4.87 15.56
CA LEU E 212 36.96 4.22 14.30
C LEU E 212 37.64 4.99 13.17
N SER E 213 38.10 4.24 12.16
CA SER E 213 38.86 4.79 11.06
C SER E 213 37.93 5.44 10.04
N SER E 214 36.66 4.98 9.99
CA SER E 214 35.66 5.50 9.08
C SER E 214 34.25 5.30 9.63
N VAL E 215 33.26 5.86 8.93
CA VAL E 215 31.86 5.71 9.29
C VAL E 215 31.45 4.26 9.05
N PRO E 216 30.96 3.53 10.07
CA PRO E 216 30.60 2.11 9.92
C PRO E 216 29.59 1.86 8.80
N SER E 217 29.73 0.69 8.16
CA SER E 217 28.84 0.24 7.10
C SER E 217 27.84 -0.73 7.70
N GLU E 218 26.87 -0.20 8.46
CA GLU E 218 25.89 -1.00 9.17
C GLU E 218 24.53 -0.32 9.02
N ASP E 219 23.46 -1.00 9.46
CA ASP E 219 22.12 -0.48 9.37
C ASP E 219 21.86 0.52 10.50
N GLU E 220 22.48 0.27 11.66
CA GLU E 220 22.20 1.04 12.87
C GLU E 220 23.50 1.28 13.63
N TRP E 221 23.45 2.25 14.55
CA TRP E 221 24.57 2.49 15.45
C TRP E 221 24.07 3.05 16.77
N TYR E 222 24.64 2.52 17.87
CA TYR E 222 24.31 2.95 19.21
C TYR E 222 25.60 3.35 19.92
N CYS E 223 25.55 4.41 20.73
CA CYS E 223 26.72 4.94 21.42
C CYS E 223 27.10 4.03 22.58
N PRO E 224 28.29 4.19 23.20
CA PRO E 224 28.69 3.37 24.35
C PRO E 224 27.67 3.28 25.48
N GLU E 225 26.95 4.37 25.77
CA GLU E 225 26.00 4.40 26.87
C GLU E 225 24.69 3.70 26.53
N CYS E 226 24.29 3.68 25.25
CA CYS E 226 23.01 3.10 24.87
C CYS E 226 23.18 1.66 24.39
N ARG E 227 24.42 1.16 24.27
CA ARG E 227 24.71 -0.21 23.88
C ARG E 227 24.27 -1.17 24.98
N GLU F 1 25.11 -4.95 -14.27
CA GLU F 1 24.96 -4.43 -12.88
C GLU F 1 26.01 -3.38 -12.57
N ASP F 2 26.90 -3.06 -13.53
CA ASP F 2 27.85 -1.96 -13.38
C ASP F 2 27.12 -0.61 -13.48
N GLU F 3 25.91 -0.63 -14.04
CA GLU F 3 25.05 0.55 -14.10
C GLU F 3 24.27 0.72 -12.78
N TRP F 4 24.21 -0.34 -11.95
CA TRP F 4 23.35 -0.36 -10.79
C TRP F 4 24.17 -0.31 -9.51
N LEU F 5 24.40 0.94 -9.03
CA LEU F 5 25.23 1.21 -7.87
C LEU F 5 24.38 1.15 -6.61
N TYR F 6 24.74 0.24 -5.70
CA TYR F 6 23.96 -0.03 -4.50
C TYR F 6 24.47 0.79 -3.32
N SER F 7 23.55 1.28 -2.50
CA SER F 7 23.90 2.16 -1.40
C SER F 7 23.07 1.81 -0.15
N ARG F 8 23.75 1.24 0.85
CA ARG F 8 23.10 0.82 2.09
C ARG F 8 22.73 2.06 2.88
N ARG F 9 21.46 2.14 3.31
CA ARG F 9 20.96 3.26 4.11
C ARG F 9 21.56 3.18 5.50
N GLY F 10 22.81 3.66 5.63
CA GLY F 10 23.72 3.21 6.67
C GLY F 10 23.56 3.98 7.98
N VAL F 11 24.69 4.37 8.55
CA VAL F 11 24.74 5.04 9.85
C VAL F 11 24.55 6.54 9.60
N ARG F 12 23.72 7.17 10.44
CA ARG F 12 23.42 8.60 10.34
C ARG F 12 24.59 9.41 10.90
N THR F 13 24.95 10.49 10.19
CA THR F 13 25.97 11.43 10.63
C THR F 13 25.33 12.76 11.04
N LEU F 14 26.05 13.58 11.80
CA LEU F 14 25.48 14.84 12.23
C LEU F 14 25.14 15.68 10.99
N LEU F 15 26.03 15.68 9.98
CA LEU F 15 25.79 16.46 8.78
C LEU F 15 24.51 15.98 8.09
N SER F 16 24.35 14.67 7.92
CA SER F 16 23.18 14.13 7.24
C SER F 16 21.90 14.53 7.99
N VAL F 17 21.97 14.56 9.33
CA VAL F 17 20.81 14.89 10.14
C VAL F 17 20.53 16.38 10.07
N GLN F 18 21.58 17.21 10.11
CA GLN F 18 21.41 18.65 10.01
C GLN F 18 20.68 18.97 8.70
N ARG F 19 21.07 18.30 7.62
CA ARG F 19 20.52 18.57 6.31
C ARG F 19 19.08 18.06 6.20
N GLU F 20 18.80 16.92 6.83
CA GLU F 20 17.47 16.36 6.80
C GLU F 20 16.48 17.29 7.50
N LYS F 21 16.91 17.90 8.62
CA LYS F 21 16.05 18.81 9.37
C LYS F 21 15.72 20.04 8.54
N MET F 22 16.71 20.55 7.81
CA MET F 22 16.47 21.70 6.95
C MET F 22 15.51 21.31 5.82
N ALA F 23 15.70 20.12 5.23
CA ALA F 23 14.83 19.68 4.15
C ALA F 23 13.38 19.53 4.67
N ARG F 24 13.24 19.00 5.90
CA ARG F 24 11.93 18.84 6.50
C ARG F 24 11.24 20.19 6.64
N LEU F 25 11.97 21.19 7.15
CA LEU F 25 11.40 22.50 7.39
C LEU F 25 10.99 23.12 6.06
N ARG F 26 11.84 22.97 5.04
CA ARG F 26 11.55 23.53 3.73
C ARG F 26 10.28 22.91 3.14
N TYR F 27 10.15 21.58 3.25
CA TYR F 27 8.93 20.92 2.86
C TYR F 27 7.73 21.52 3.60
N MET F 28 7.85 21.75 4.91
CA MET F 28 6.73 22.28 5.69
C MET F 28 6.39 23.70 5.27
N LEU F 29 7.37 24.48 4.79
CA LEU F 29 7.14 25.87 4.44
C LEU F 29 6.57 26.03 3.03
N LEU F 30 6.71 25.00 2.18
CA LEU F 30 6.00 25.00 0.91
C LEU F 30 4.50 24.80 1.08
N GLY F 31 4.06 24.27 2.24
CA GLY F 31 2.64 24.04 2.52
C GLY F 31 1.97 25.18 3.29
N GLY F 32 2.78 25.93 4.06
CA GLY F 32 2.33 27.16 4.67
C GLY F 32 1.92 28.22 3.66
N VAL F 33 2.53 28.21 2.46
CA VAL F 33 2.26 29.25 1.47
C VAL F 33 0.95 28.97 0.73
N ARG F 34 0.54 27.71 0.62
CA ARG F 34 -0.78 27.36 0.09
C ARG F 34 -1.88 27.81 1.08
N GLY G 4 -28.84 -44.31 18.99
CA GLY G 4 -27.81 -43.27 18.88
C GLY G 4 -28.17 -42.19 17.85
N SER G 5 -27.16 -41.46 17.39
CA SER G 5 -27.32 -40.36 16.44
C SER G 5 -27.99 -40.83 15.14
N LEU G 6 -28.68 -39.90 14.47
CA LEU G 6 -29.30 -40.20 13.18
C LEU G 6 -28.24 -40.49 12.13
N TYR G 7 -27.10 -39.78 12.18
CA TYR G 7 -26.07 -39.92 11.16
C TYR G 7 -24.80 -40.41 11.81
N LYS G 8 -23.99 -41.17 11.07
CA LYS G 8 -22.86 -41.92 11.61
C LYS G 8 -21.56 -41.40 11.01
N VAL G 9 -20.45 -41.74 11.65
CA VAL G 9 -19.14 -41.41 11.13
C VAL G 9 -19.01 -41.99 9.72
N ASN G 10 -18.45 -41.17 8.81
CA ASN G 10 -18.19 -41.48 7.42
C ASN G 10 -19.44 -41.38 6.55
N GLU G 11 -20.60 -41.07 7.12
CA GLU G 11 -21.80 -40.97 6.32
C GLU G 11 -21.76 -39.69 5.48
N TYR G 12 -22.33 -39.77 4.26
CA TYR G 12 -22.42 -38.62 3.38
C TYR G 12 -23.69 -37.85 3.70
N VAL G 13 -23.52 -36.55 3.97
CA VAL G 13 -24.62 -35.71 4.42
C VAL G 13 -24.67 -34.43 3.59
N ASP G 14 -25.74 -33.67 3.81
CA ASP G 14 -25.78 -32.26 3.47
C ASP G 14 -25.74 -31.47 4.78
N ALA G 15 -24.96 -30.39 4.77
CA ALA G 15 -24.79 -29.51 5.92
C ALA G 15 -25.17 -28.09 5.52
N ARG G 16 -26.00 -27.45 6.35
CA ARG G 16 -26.57 -26.16 6.01
C ARG G 16 -25.68 -25.06 6.57
N ASP G 17 -25.38 -24.08 5.71
CA ASP G 17 -24.71 -22.86 6.14
C ASP G 17 -25.82 -21.94 6.65
N THR G 18 -25.75 -21.55 7.91
CA THR G 18 -26.85 -20.84 8.56
C THR G 18 -26.81 -19.36 8.20
N ASN G 19 -25.72 -18.90 7.59
CA ASN G 19 -25.61 -17.53 7.13
C ASN G 19 -26.39 -17.33 5.84
N MET G 20 -26.30 -18.28 4.90
CA MET G 20 -26.91 -18.06 3.61
C MET G 20 -28.02 -19.06 3.33
N GLY G 21 -28.15 -20.11 4.14
CA GLY G 21 -29.28 -21.04 4.05
C GLY G 21 -29.07 -22.22 3.09
N ALA G 22 -27.95 -22.24 2.36
CA ALA G 22 -27.70 -23.28 1.38
C ALA G 22 -27.21 -24.56 2.06
N TRP G 23 -27.48 -25.68 1.38
CA TRP G 23 -27.09 -27.01 1.81
C TRP G 23 -25.91 -27.51 0.97
N PHE G 24 -24.83 -27.89 1.65
CA PHE G 24 -23.58 -28.25 1.01
C PHE G 24 -23.20 -29.70 1.32
N GLU G 25 -22.62 -30.37 0.33
CA GLU G 25 -22.18 -31.75 0.47
C GLU G 25 -21.05 -31.83 1.47
N ALA G 26 -21.19 -32.75 2.42
CA ALA G 26 -20.19 -32.93 3.46
C ALA G 26 -20.18 -34.37 3.93
N GLN G 27 -19.15 -34.69 4.72
CA GLN G 27 -19.02 -36.03 5.28
C GLN G 27 -18.81 -35.90 6.79
N VAL G 28 -19.51 -36.77 7.52
CA VAL G 28 -19.37 -36.80 8.97
C VAL G 28 -18.04 -37.45 9.35
N VAL G 29 -17.29 -36.72 10.19
CA VAL G 29 -15.97 -37.13 10.65
C VAL G 29 -16.03 -37.56 12.13
N ARG G 30 -16.96 -36.98 12.90
CA ARG G 30 -17.13 -37.31 14.30
C ARG G 30 -18.54 -36.94 14.74
N VAL G 31 -19.04 -37.64 15.75
CA VAL G 31 -20.30 -37.33 16.40
C VAL G 31 -20.02 -37.21 17.89
N THR G 32 -20.38 -36.07 18.50
CA THR G 32 -20.23 -35.88 19.93
C THR G 32 -21.57 -35.50 20.55
N ARG G 33 -21.70 -35.75 21.85
CA ARG G 33 -22.97 -35.62 22.54
C ARG G 33 -22.88 -34.46 23.52
N LYS G 34 -23.85 -33.54 23.47
CA LYS G 34 -24.05 -32.57 24.53
C LYS G 34 -24.95 -33.20 25.61
N LEU G 41 -31.68 -38.02 22.58
CA LEU G 41 -32.19 -36.90 21.72
C LEU G 41 -31.17 -36.59 20.62
N GLU G 42 -31.68 -36.41 19.40
CA GLU G 42 -30.85 -35.97 18.29
C GLU G 42 -30.37 -34.55 18.54
N GLU G 43 -31.24 -33.70 19.10
CA GLU G 43 -30.97 -32.28 19.25
C GLU G 43 -29.78 -31.99 20.18
N ASP G 44 -29.38 -33.03 20.92
CA ASP G 44 -28.24 -32.95 21.81
C ASP G 44 -26.97 -33.52 21.16
N VAL G 45 -26.86 -33.50 19.83
CA VAL G 45 -25.73 -34.08 19.12
C VAL G 45 -25.02 -33.01 18.30
N ILE G 46 -23.68 -33.07 18.24
CA ILE G 46 -22.90 -32.21 17.37
C ILE G 46 -22.24 -33.10 16.33
N TYR G 47 -22.43 -32.75 15.04
CA TYR G 47 -21.77 -33.40 13.93
C TYR G 47 -20.54 -32.59 13.55
N HIS G 48 -19.39 -33.27 13.50
CA HIS G 48 -18.16 -32.69 12.99
C HIS G 48 -18.04 -33.13 11.53
N VAL G 49 -18.06 -32.17 10.60
CA VAL G 49 -18.10 -32.52 9.18
C VAL G 49 -16.96 -31.82 8.44
N LYS G 50 -16.58 -32.45 7.31
CA LYS G 50 -15.69 -31.85 6.33
C LYS G 50 -16.47 -31.68 5.02
N TYR G 51 -16.31 -30.51 4.41
CA TYR G 51 -17.05 -30.14 3.21
C TYR G 51 -16.23 -30.52 1.99
N ASP G 52 -16.90 -31.19 1.04
CA ASP G 52 -16.26 -31.64 -0.19
C ASP G 52 -15.53 -30.48 -0.89
N ASP G 53 -16.20 -29.33 -1.02
CA ASP G 53 -15.73 -28.28 -1.90
C ASP G 53 -15.07 -27.14 -1.14
N TYR G 54 -15.00 -27.25 0.20
CA TYR G 54 -14.44 -26.19 1.03
C TYR G 54 -13.45 -26.79 2.02
N PRO G 55 -12.41 -27.53 1.57
CA PRO G 55 -11.47 -28.18 2.49
C PRO G 55 -10.70 -27.21 3.37
N GLU G 56 -10.54 -25.98 2.87
CA GLU G 56 -9.85 -24.93 3.60
C GLU G 56 -10.63 -24.52 4.86
N ASN G 57 -11.90 -24.93 4.98
CA ASN G 57 -12.66 -24.69 6.20
C ASN G 57 -12.32 -25.71 7.28
N GLY G 58 -11.64 -26.80 6.91
CA GLY G 58 -11.32 -27.86 7.85
C GLY G 58 -12.57 -28.60 8.35
N VAL G 59 -12.43 -29.15 9.56
CA VAL G 59 -13.49 -29.88 10.22
C VAL G 59 -14.36 -28.89 10.99
N VAL G 60 -15.67 -28.93 10.75
CA VAL G 60 -16.58 -27.92 11.25
C VAL G 60 -17.64 -28.59 12.12
N GLN G 61 -17.89 -27.99 13.28
CA GLN G 61 -18.95 -28.43 14.18
C GLN G 61 -20.29 -27.89 13.68
N MET G 62 -21.29 -28.78 13.58
CA MET G 62 -22.62 -28.45 13.09
C MET G 62 -23.64 -28.84 14.17
N ASN G 63 -24.64 -27.98 14.40
CA ASN G 63 -25.85 -28.35 15.11
C ASN G 63 -26.60 -29.41 14.32
N SER G 64 -27.24 -30.33 15.03
CA SER G 64 -27.94 -31.46 14.42
C SER G 64 -29.05 -30.97 13.48
N ARG G 65 -29.68 -29.83 13.73
CA ARG G 65 -30.73 -29.35 12.85
C ARG G 65 -30.16 -28.94 11.47
N ASP G 66 -28.84 -28.78 11.37
CA ASP G 66 -28.21 -28.31 10.14
C ASP G 66 -27.51 -29.44 9.40
N VAL G 67 -27.85 -30.69 9.70
CA VAL G 67 -27.29 -31.84 9.02
C VAL G 67 -28.44 -32.77 8.63
N ARG G 68 -28.38 -33.32 7.42
CA ARG G 68 -29.32 -34.38 7.06
C ARG G 68 -28.69 -35.27 6.00
N ALA G 69 -29.38 -36.37 5.70
CA ALA G 69 -28.87 -37.36 4.75
C ALA G 69 -28.73 -36.69 3.39
N ARG G 70 -27.65 -37.02 2.69
CA ARG G 70 -27.37 -36.46 1.39
C ARG G 70 -28.59 -36.66 0.48
N ALA G 71 -29.01 -35.60 -0.22
CA ALA G 71 -30.08 -35.68 -1.20
C ALA G 71 -29.72 -36.71 -2.26
N ARG G 72 -30.70 -37.51 -2.68
CA ARG G 72 -30.44 -38.58 -3.65
C ARG G 72 -31.58 -38.78 -4.64
N THR G 73 -32.82 -38.41 -4.30
CA THR G 73 -33.96 -38.68 -5.17
C THR G 73 -34.47 -37.39 -5.82
N ILE G 74 -34.51 -37.39 -7.16
CA ILE G 74 -35.08 -36.30 -7.94
C ILE G 74 -36.57 -36.54 -8.10
N ILE G 75 -37.36 -35.50 -7.81
CA ILE G 75 -38.79 -35.46 -8.12
C ILE G 75 -38.93 -34.94 -9.55
N LYS G 76 -39.37 -35.81 -10.45
CA LYS G 76 -39.45 -35.46 -11.87
C LYS G 76 -40.53 -34.40 -12.05
N TRP G 77 -40.40 -33.67 -13.16
CA TRP G 77 -41.26 -32.54 -13.46
C TRP G 77 -42.74 -32.87 -13.20
N GLN G 78 -43.19 -34.04 -13.67
CA GLN G 78 -44.61 -34.37 -13.63
C GLN G 78 -45.08 -34.58 -12.20
N ASP G 79 -44.16 -34.92 -11.27
CA ASP G 79 -44.52 -35.23 -9.90
C ASP G 79 -44.49 -33.99 -9.01
N LEU G 80 -43.94 -32.87 -9.51
CA LEU G 80 -43.89 -31.63 -8.73
C LEU G 80 -45.30 -31.07 -8.54
N GLU G 81 -45.56 -30.51 -7.36
CA GLU G 81 -46.83 -29.87 -7.07
C GLU G 81 -46.64 -28.69 -6.13
N VAL G 82 -47.46 -27.65 -6.35
CA VAL G 82 -47.55 -26.51 -5.46
C VAL G 82 -47.69 -27.03 -4.03
N GLY G 83 -46.95 -26.43 -3.09
CA GLY G 83 -47.04 -26.79 -1.68
C GLY G 83 -45.96 -27.77 -1.23
N GLN G 84 -45.32 -28.48 -2.17
CA GLN G 84 -44.22 -29.35 -1.81
C GLN G 84 -43.03 -28.54 -1.30
N VAL G 85 -42.39 -29.05 -0.24
CA VAL G 85 -41.14 -28.50 0.27
C VAL G 85 -40.01 -29.39 -0.21
N VAL G 86 -39.11 -28.80 -1.00
CA VAL G 86 -38.11 -29.52 -1.76
C VAL G 86 -36.76 -28.82 -1.58
N MET G 87 -35.70 -29.41 -2.11
CA MET G 87 -34.41 -28.78 -2.22
C MET G 87 -34.12 -28.58 -3.71
N LEU G 88 -33.89 -27.32 -4.11
CA LEU G 88 -33.67 -27.02 -5.52
C LEU G 88 -32.57 -26.00 -5.66
N ASN G 89 -32.16 -25.76 -6.92
CA ASN G 89 -31.04 -24.87 -7.20
C ASN G 89 -31.55 -23.46 -7.50
N TYR G 90 -30.91 -22.46 -6.89
CA TYR G 90 -31.22 -21.06 -7.14
C TYR G 90 -29.98 -20.21 -6.85
N ASN G 91 -29.87 -19.07 -7.54
CA ASN G 91 -28.78 -18.14 -7.32
C ASN G 91 -29.32 -16.75 -7.01
N PRO G 92 -29.43 -16.36 -5.71
CA PRO G 92 -29.99 -15.06 -5.34
C PRO G 92 -29.19 -13.88 -5.87
N ASP G 93 -27.89 -14.09 -6.11
CA ASP G 93 -27.01 -13.05 -6.64
C ASP G 93 -27.27 -12.83 -8.12
N ASN G 94 -27.68 -13.88 -8.84
CA ASN G 94 -27.90 -13.78 -10.28
C ASN G 94 -28.93 -14.84 -10.67
N PRO G 95 -30.24 -14.54 -10.50
CA PRO G 95 -31.29 -15.54 -10.67
C PRO G 95 -31.35 -16.31 -11.99
N LYS G 96 -30.68 -15.83 -13.03
CA LYS G 96 -30.70 -16.49 -14.33
C LYS G 96 -29.56 -17.50 -14.42
N GLU G 97 -28.74 -17.59 -13.37
CA GLU G 97 -27.57 -18.44 -13.35
C GLU G 97 -27.78 -19.55 -12.32
N ARG G 98 -27.09 -20.69 -12.48
CA ARG G 98 -27.01 -21.71 -11.45
C ARG G 98 -26.34 -21.13 -10.21
N GLY G 99 -26.82 -21.57 -9.05
CA GLY G 99 -26.26 -21.17 -7.77
C GLY G 99 -26.11 -22.38 -6.85
N PHE G 100 -26.73 -22.25 -5.67
CA PHE G 100 -26.58 -23.24 -4.62
C PHE G 100 -27.94 -23.91 -4.36
N TRP G 101 -27.98 -24.80 -3.35
CA TRP G 101 -29.11 -25.68 -3.10
C TRP G 101 -29.83 -25.23 -1.83
N TYR G 102 -31.11 -24.94 -1.97
CA TYR G 102 -31.89 -24.34 -0.90
C TYR G 102 -33.19 -25.12 -0.73
N ASP G 103 -33.69 -25.14 0.50
CA ASP G 103 -35.05 -25.57 0.75
C ASP G 103 -35.97 -24.51 0.17
N ALA G 104 -37.09 -24.99 -0.40
CA ALA G 104 -38.05 -24.09 -1.03
C ALA G 104 -39.42 -24.75 -1.04
N GLU G 105 -40.45 -23.90 -0.92
CA GLU G 105 -41.82 -24.34 -1.09
C GLU G 105 -42.27 -23.96 -2.50
N ILE G 106 -42.66 -24.94 -3.31
CA ILE G 106 -43.17 -24.66 -4.63
C ILE G 106 -44.46 -23.85 -4.52
N SER G 107 -44.52 -22.73 -5.27
CA SER G 107 -45.60 -21.76 -5.12
C SER G 107 -46.41 -21.62 -6.41
N ARG G 108 -45.88 -22.09 -7.55
CA ARG G 108 -46.61 -22.03 -8.80
C ARG G 108 -45.95 -22.98 -9.81
N LYS G 109 -46.76 -23.65 -10.64
CA LYS G 109 -46.28 -24.59 -11.63
C LYS G 109 -47.21 -24.51 -12.83
N ARG G 110 -46.63 -24.20 -14.01
CA ARG G 110 -47.39 -24.03 -15.23
C ARG G 110 -46.66 -24.80 -16.34
N GLU G 111 -47.44 -25.31 -17.30
CA GLU G 111 -46.88 -26.00 -18.44
C GLU G 111 -47.67 -25.66 -19.71
N THR G 112 -46.95 -25.23 -20.75
CA THR G 112 -47.49 -25.10 -22.09
C THR G 112 -46.71 -26.06 -23.00
N ARG G 113 -47.03 -26.03 -24.30
CA ARG G 113 -46.33 -26.85 -25.28
C ARG G 113 -44.88 -26.39 -25.46
N THR G 114 -44.56 -25.15 -25.09
CA THR G 114 -43.24 -24.59 -25.38
C THR G 114 -42.43 -24.32 -24.10
N ALA G 115 -43.05 -24.35 -22.92
CA ALA G 115 -42.39 -23.86 -21.72
C ALA G 115 -42.87 -24.60 -20.46
N ARG G 116 -41.93 -24.76 -19.52
CA ARG G 116 -42.24 -25.29 -18.19
C ARG G 116 -41.76 -24.29 -17.14
N GLU G 117 -42.72 -23.71 -16.41
CA GLU G 117 -42.43 -22.64 -15.47
C GLU G 117 -42.68 -23.13 -14.04
N LEU G 118 -41.67 -22.91 -13.19
CA LEU G 118 -41.74 -23.27 -11.79
C LEU G 118 -41.32 -22.07 -10.95
N TYR G 119 -42.12 -21.74 -9.94
CA TYR G 119 -41.79 -20.71 -8.97
C TYR G 119 -41.78 -21.35 -7.58
N ALA G 120 -40.96 -20.81 -6.69
CA ALA G 120 -40.87 -21.33 -5.33
C ALA G 120 -40.46 -20.21 -4.37
N ASN G 121 -40.85 -20.37 -3.10
CA ASN G 121 -40.39 -19.50 -2.03
C ASN G 121 -39.14 -20.13 -1.42
N VAL G 122 -37.99 -19.49 -1.65
CA VAL G 122 -36.70 -20.07 -1.35
C VAL G 122 -36.27 -19.57 0.03
N VAL G 123 -35.84 -20.50 0.88
CA VAL G 123 -35.43 -20.17 2.24
C VAL G 123 -33.93 -19.91 2.26
N LEU G 124 -33.55 -18.68 2.61
CA LEU G 124 -32.17 -18.29 2.82
C LEU G 124 -31.85 -18.32 4.30
N GLY G 125 -30.80 -17.60 4.68
CA GLY G 125 -30.24 -17.65 6.03
C GLY G 125 -31.26 -17.17 7.07
N ASP G 126 -31.70 -15.91 6.94
CA ASP G 126 -32.59 -15.29 7.91
C ASP G 126 -33.94 -14.88 7.28
N ASP G 127 -34.10 -15.04 5.97
CA ASP G 127 -35.27 -14.55 5.27
C ASP G 127 -35.66 -15.54 4.18
N SER G 128 -36.78 -15.29 3.50
CA SER G 128 -37.19 -16.05 2.34
C SER G 128 -37.34 -15.10 1.14
N LEU G 129 -37.19 -15.67 -0.06
CA LEU G 129 -37.46 -14.99 -1.31
C LEU G 129 -38.71 -15.61 -1.92
N ASN G 130 -39.79 -14.83 -2.08
CA ASN G 130 -41.05 -15.41 -2.55
C ASN G 130 -41.09 -15.36 -4.06
N ASP G 131 -41.71 -16.38 -4.68
CA ASP G 131 -41.91 -16.44 -6.12
C ASP G 131 -40.60 -16.25 -6.89
N CYS G 132 -39.58 -17.02 -6.52
CA CYS G 132 -38.39 -17.15 -7.34
C CYS G 132 -38.68 -18.04 -8.54
N ARG G 133 -38.23 -17.59 -9.71
CA ARG G 133 -38.29 -18.37 -10.94
C ARG G 133 -37.16 -19.37 -10.91
N ILE G 134 -37.52 -20.67 -10.93
CA ILE G 134 -36.55 -21.75 -10.82
C ILE G 134 -36.17 -22.22 -12.23
N ILE G 135 -34.87 -22.19 -12.52
CA ILE G 135 -34.37 -22.53 -13.84
C ILE G 135 -34.26 -24.05 -13.98
N PHE G 136 -33.72 -24.72 -12.97
CA PHE G 136 -33.35 -26.12 -13.10
C PHE G 136 -34.48 -27.02 -12.59
N VAL G 137 -35.55 -27.07 -13.39
CA VAL G 137 -36.80 -27.71 -13.01
C VAL G 137 -36.69 -29.24 -13.08
N ASP G 138 -35.65 -29.77 -13.73
CA ASP G 138 -35.41 -31.21 -13.77
C ASP G 138 -34.40 -31.67 -12.71
N GLU G 139 -33.99 -30.78 -11.80
CA GLU G 139 -33.05 -31.13 -10.75
C GLU G 139 -33.65 -30.77 -9.38
N VAL G 140 -34.94 -31.05 -9.17
CA VAL G 140 -35.56 -30.75 -7.90
C VAL G 140 -35.49 -32.00 -7.03
N PHE G 141 -34.93 -31.85 -5.82
CA PHE G 141 -34.65 -32.99 -4.95
C PHE G 141 -35.70 -33.09 -3.85
N LYS G 142 -36.06 -34.35 -3.57
CA LYS G 142 -36.84 -34.69 -2.39
C LYS G 142 -35.95 -34.48 -1.16
N ILE G 143 -36.55 -33.93 -0.10
CA ILE G 143 -35.84 -33.81 1.15
C ILE G 143 -35.99 -35.13 1.91
N GLU G 144 -34.85 -35.77 2.21
CA GLU G 144 -34.84 -37.01 2.97
C GLU G 144 -35.38 -36.75 4.37
N ARG G 145 -36.44 -37.51 4.74
CA ARG G 145 -37.02 -37.44 6.07
C ARG G 145 -36.25 -38.39 6.99
N PRO G 146 -35.98 -38.01 8.27
CA PRO G 146 -35.19 -38.86 9.17
C PRO G 146 -35.74 -40.28 9.31
N GLY G 147 -34.86 -41.28 9.20
CA GLY G 147 -35.22 -42.66 9.48
C GLY G 147 -35.61 -43.44 8.23
N GLU G 148 -36.15 -42.75 7.22
CA GLU G 148 -36.48 -43.40 5.95
C GLU G 148 -35.20 -43.59 5.14
N GLY G 149 -35.16 -44.65 4.33
CA GLY G 149 -34.09 -44.87 3.37
C GLY G 149 -32.80 -45.37 4.02
N SER G 150 -31.87 -45.84 3.19
CA SER G 150 -30.60 -46.37 3.65
C SER G 150 -29.56 -45.25 3.72
N PRO G 151 -28.64 -45.24 4.72
CA PRO G 151 -27.54 -44.26 4.74
C PRO G 151 -26.65 -44.32 3.51
N MET G 152 -26.27 -43.14 2.99
CA MET G 152 -25.36 -43.06 1.86
C MET G 152 -23.92 -43.12 2.39
N VAL G 153 -23.21 -44.20 2.06
CA VAL G 153 -21.87 -44.45 2.57
C VAL G 153 -20.88 -44.61 1.41
N ASP G 154 -21.40 -44.74 0.18
CA ASP G 154 -20.57 -44.82 -1.01
C ASP G 154 -21.39 -44.32 -2.20
N ASN G 155 -20.79 -44.30 -3.38
CA ASN G 155 -21.49 -44.07 -4.64
C ASN G 155 -22.44 -42.88 -4.49
N PRO G 156 -21.90 -41.67 -4.20
CA PRO G 156 -22.75 -40.51 -3.88
C PRO G 156 -23.42 -39.91 -5.11
N MET G 157 -24.67 -39.46 -4.92
CA MET G 157 -25.40 -38.73 -5.96
C MET G 157 -24.77 -37.33 -6.10
N ARG G 158 -24.32 -37.01 -7.33
CA ARG G 158 -23.65 -35.76 -7.63
C ARG G 158 -24.65 -34.67 -8.00
N ARG G 159 -24.43 -33.47 -7.47
CA ARG G 159 -25.17 -32.26 -7.85
C ARG G 159 -24.20 -31.25 -8.45
N LYS G 160 -24.67 -30.42 -9.37
CA LYS G 160 -23.88 -29.29 -9.86
C LYS G 160 -24.20 -28.02 -9.06
N SER G 161 -23.16 -27.27 -8.71
CA SER G 161 -23.29 -26.00 -7.99
C SER G 161 -22.43 -24.92 -8.67
N GLY G 162 -22.86 -23.66 -8.53
CA GLY G 162 -22.14 -22.53 -9.10
C GLY G 162 -22.48 -22.31 -10.58
N PRO G 163 -21.82 -21.35 -11.26
CA PRO G 163 -22.16 -21.00 -12.65
C PRO G 163 -22.25 -22.17 -13.62
N SER G 164 -23.28 -22.14 -14.44
CA SER G 164 -23.69 -23.20 -15.36
C SER G 164 -23.04 -22.98 -16.72
N CYS G 165 -22.92 -24.05 -17.50
CA CYS G 165 -22.59 -23.98 -18.91
C CYS G 165 -23.86 -24.04 -19.74
N LYS G 166 -24.03 -23.05 -20.62
CA LYS G 166 -25.25 -22.92 -21.42
C LYS G 166 -25.23 -23.90 -22.60
N HIS G 167 -24.06 -24.46 -22.93
CA HIS G 167 -23.94 -25.32 -24.10
C HIS G 167 -24.45 -26.71 -23.76
N CYS G 168 -24.13 -27.21 -22.56
CA CYS G 168 -24.43 -28.60 -22.21
C CYS G 168 -25.40 -28.72 -21.03
N LYS G 169 -25.75 -27.59 -20.39
CA LYS G 169 -26.66 -27.59 -19.24
C LYS G 169 -26.10 -28.47 -18.09
N ASP G 170 -24.78 -28.66 -18.06
CA ASP G 170 -24.11 -29.40 -16.99
C ASP G 170 -24.54 -30.87 -16.95
N ASP G 171 -25.16 -31.37 -18.03
CA ASP G 171 -25.60 -32.75 -18.08
C ASP G 171 -24.38 -33.67 -17.99
N VAL G 172 -24.32 -34.47 -16.92
CA VAL G 172 -23.13 -35.27 -16.62
C VAL G 172 -22.97 -36.40 -17.63
N ASN G 173 -24.03 -36.69 -18.40
CA ASN G 173 -23.96 -37.76 -19.40
C ASN G 173 -23.60 -37.21 -20.78
N ARG G 174 -23.40 -35.89 -20.88
CA ARG G 174 -22.96 -35.28 -22.14
C ARG G 174 -21.50 -34.85 -22.00
N LEU G 175 -20.77 -34.95 -23.13
CA LEU G 175 -19.44 -34.38 -23.23
C LEU G 175 -19.59 -32.92 -23.57
N CYS G 176 -18.59 -32.12 -23.22
CA CYS G 176 -18.63 -30.71 -23.56
C CYS G 176 -17.22 -30.14 -23.59
N ARG G 177 -16.86 -29.57 -24.75
CA ARG G 177 -15.55 -29.03 -25.00
C ARG G 177 -15.51 -27.59 -24.52
N VAL G 178 -16.65 -27.04 -24.10
CA VAL G 178 -16.70 -25.66 -23.64
C VAL G 178 -16.37 -25.59 -22.14
N CYS G 179 -17.00 -26.43 -21.31
CA CYS G 179 -16.80 -26.34 -19.86
C CYS G 179 -15.92 -27.47 -19.32
N ALA G 180 -15.67 -28.53 -20.12
CA ALA G 180 -14.77 -29.60 -19.72
C ALA G 180 -13.66 -29.69 -20.74
N CYS G 181 -13.03 -30.86 -20.91
CA CYS G 181 -11.82 -30.94 -21.71
C CYS G 181 -12.07 -30.46 -23.14
N HIS G 182 -11.27 -29.47 -23.54
CA HIS G 182 -11.44 -28.82 -24.82
C HIS G 182 -11.11 -29.76 -25.97
N LEU G 183 -10.36 -30.84 -25.69
CA LEU G 183 -9.97 -31.80 -26.71
C LEU G 183 -10.93 -32.98 -26.78
N CYS G 184 -11.26 -33.64 -25.65
CA CYS G 184 -12.10 -34.83 -25.71
C CYS G 184 -13.53 -34.56 -25.21
N GLY G 185 -13.75 -33.43 -24.52
CA GLY G 185 -15.07 -33.11 -23.98
C GLY G 185 -15.39 -33.84 -22.66
N GLY G 186 -14.39 -34.54 -22.08
CA GLY G 186 -14.60 -35.37 -20.91
C GLY G 186 -14.53 -34.60 -19.58
N ARG G 187 -15.38 -35.02 -18.63
CA ARG G 187 -15.56 -34.38 -17.34
C ARG G 187 -14.69 -35.02 -16.26
N GLN G 188 -14.15 -36.21 -16.56
CA GLN G 188 -13.41 -36.97 -15.57
C GLN G 188 -12.07 -36.28 -15.28
N ASP G 189 -11.53 -36.56 -14.09
CA ASP G 189 -10.24 -36.08 -13.62
C ASP G 189 -10.13 -34.56 -13.77
N PRO G 190 -11.07 -33.77 -13.24
CA PRO G 190 -10.97 -32.31 -13.28
C PRO G 190 -9.72 -31.77 -12.58
N ASP G 191 -9.21 -32.55 -11.61
CA ASP G 191 -7.96 -32.25 -10.92
C ASP G 191 -6.75 -32.42 -11.84
N LYS G 192 -6.95 -33.01 -13.02
CA LYS G 192 -5.85 -33.23 -13.95
C LYS G 192 -6.13 -32.52 -15.28
N GLN G 193 -7.05 -31.56 -15.29
CA GLN G 193 -7.31 -30.74 -16.47
C GLN G 193 -6.75 -29.35 -16.23
N LEU G 194 -5.79 -28.95 -17.08
CA LEU G 194 -5.14 -27.65 -16.95
C LEU G 194 -6.00 -26.57 -17.58
N MET G 195 -5.98 -25.37 -16.97
CA MET G 195 -6.79 -24.25 -17.43
C MET G 195 -5.85 -23.22 -18.07
N CYS G 196 -6.11 -22.91 -19.33
CA CYS G 196 -5.33 -21.93 -20.06
C CYS G 196 -5.52 -20.55 -19.44
N ASP G 197 -4.40 -19.88 -19.13
CA ASP G 197 -4.45 -18.55 -18.52
C ASP G 197 -4.99 -17.50 -19.48
N GLU G 198 -5.04 -17.82 -20.79
CA GLU G 198 -5.61 -16.92 -21.78
C GLU G 198 -7.10 -17.20 -22.01
N CYS G 199 -7.40 -18.36 -22.64
CA CYS G 199 -8.75 -18.64 -23.11
C CYS G 199 -9.60 -19.33 -22.04
N ASP G 200 -8.97 -19.81 -20.96
CA ASP G 200 -9.62 -20.44 -19.82
C ASP G 200 -10.35 -21.73 -20.20
N MET G 201 -9.85 -22.44 -21.24
CA MET G 201 -10.35 -23.74 -21.60
C MET G 201 -9.55 -24.79 -20.82
N ALA G 202 -10.18 -25.96 -20.60
CA ALA G 202 -9.60 -27.03 -19.82
C ALA G 202 -8.98 -28.09 -20.74
N PHE G 203 -7.90 -28.73 -20.27
CA PHE G 203 -7.21 -29.76 -21.03
C PHE G 203 -6.68 -30.85 -20.11
N HIS G 204 -7.19 -32.07 -20.26
CA HIS G 204 -6.59 -33.23 -19.62
C HIS G 204 -5.09 -33.27 -19.94
N ILE G 205 -4.27 -33.53 -18.92
CA ILE G 205 -2.85 -33.72 -19.10
C ILE G 205 -2.57 -34.86 -20.08
N TYR G 206 -3.46 -35.86 -20.16
CA TYR G 206 -3.24 -37.01 -21.04
C TYR G 206 -3.83 -36.80 -22.44
N CYS G 207 -4.50 -35.68 -22.71
CA CYS G 207 -5.01 -35.41 -24.05
C CYS G 207 -4.08 -34.46 -24.81
N LEU G 208 -3.18 -33.77 -24.09
CA LEU G 208 -2.18 -32.92 -24.69
C LEU G 208 -1.17 -33.76 -25.48
N ASP G 209 -0.44 -33.11 -26.38
CA ASP G 209 0.47 -33.80 -27.29
C ASP G 209 1.76 -33.01 -27.36
N PRO G 210 2.87 -33.46 -26.70
CA PRO G 210 2.91 -34.71 -25.96
C PRO G 210 2.15 -34.66 -24.64
N PRO G 211 1.59 -35.79 -24.15
CA PRO G 211 0.89 -35.81 -22.87
C PRO G 211 1.84 -35.53 -21.72
N LEU G 212 1.28 -35.01 -20.62
CA LEU G 212 2.04 -34.76 -19.40
C LEU G 212 1.67 -35.83 -18.38
N SER G 213 2.67 -36.30 -17.61
CA SER G 213 2.45 -37.35 -16.64
C SER G 213 1.85 -36.78 -15.34
N SER G 214 2.02 -35.47 -15.10
CA SER G 214 1.42 -34.81 -13.95
C SER G 214 1.14 -33.33 -14.22
N VAL G 215 0.42 -32.71 -13.28
CA VAL G 215 0.11 -31.30 -13.34
C VAL G 215 1.39 -30.51 -13.13
N PRO G 216 1.79 -29.62 -14.07
CA PRO G 216 3.04 -28.87 -13.91
C PRO G 216 3.06 -27.99 -12.66
N SER G 217 4.25 -27.83 -12.07
CA SER G 217 4.44 -26.92 -10.95
C SER G 217 5.07 -25.64 -11.49
N GLU G 218 4.26 -24.81 -12.12
CA GLU G 218 4.72 -23.60 -12.77
C GLU G 218 3.79 -22.45 -12.38
N ASP G 219 4.19 -21.23 -12.71
CA ASP G 219 3.48 -20.03 -12.33
C ASP G 219 2.29 -19.81 -13.26
N GLU G 220 2.45 -20.19 -14.53
CA GLU G 220 1.42 -19.98 -15.55
C GLU G 220 1.39 -21.20 -16.47
N TRP G 221 0.32 -21.30 -17.26
CA TRP G 221 0.21 -22.29 -18.32
C TRP G 221 -0.71 -21.78 -19.42
N TYR G 222 -0.29 -21.99 -20.66
CA TYR G 222 -1.06 -21.59 -21.83
C TYR G 222 -1.23 -22.81 -22.74
N CYS G 223 -2.41 -22.94 -23.34
CA CYS G 223 -2.74 -24.07 -24.18
C CYS G 223 -2.03 -23.93 -25.53
N PRO G 224 -2.00 -25.01 -26.35
CA PRO G 224 -1.31 -24.96 -27.64
C PRO G 224 -1.75 -23.81 -28.56
N GLU G 225 -3.03 -23.43 -28.52
CA GLU G 225 -3.54 -22.37 -29.39
C GLU G 225 -3.12 -20.99 -28.90
N CYS G 226 -2.99 -20.79 -27.59
CA CYS G 226 -2.79 -19.45 -27.06
C CYS G 226 -1.31 -19.16 -26.82
N ARG G 227 -0.44 -20.16 -26.90
CA ARG G 227 0.97 -19.91 -26.64
C ARG G 227 1.58 -19.39 -27.95
N GLY H 10 0.33 -21.94 -8.20
CA GLY H 10 0.76 -22.91 -9.23
C GLY H 10 -0.10 -22.85 -10.49
N VAL H 11 -0.21 -23.98 -11.19
CA VAL H 11 -1.00 -24.07 -12.41
C VAL H 11 -2.45 -24.38 -12.03
N ARG H 12 -3.39 -23.67 -12.65
CA ARG H 12 -4.79 -23.83 -12.35
C ARG H 12 -5.36 -25.07 -13.03
N THR H 13 -6.18 -25.82 -12.30
CA THR H 13 -6.90 -26.97 -12.81
C THR H 13 -8.40 -26.65 -12.87
N LEU H 14 -9.14 -27.46 -13.62
CA LEU H 14 -10.58 -27.26 -13.72
C LEU H 14 -11.20 -27.34 -12.33
N LEU H 15 -10.76 -28.31 -11.53
CA LEU H 15 -11.32 -28.49 -10.20
C LEU H 15 -11.06 -27.26 -9.35
N SER H 16 -9.82 -26.75 -9.36
CA SER H 16 -9.47 -25.60 -8.55
C SER H 16 -10.33 -24.39 -8.95
N VAL H 17 -10.61 -24.27 -10.26
CA VAL H 17 -11.38 -23.13 -10.73
C VAL H 17 -12.86 -23.32 -10.40
N GLN H 18 -13.38 -24.55 -10.53
CA GLN H 18 -14.76 -24.83 -10.15
C GLN H 18 -14.98 -24.44 -8.69
N ARG H 19 -14.02 -24.78 -7.82
CA ARG H 19 -14.13 -24.51 -6.41
C ARG H 19 -14.01 -23.02 -6.10
N GLU H 20 -13.14 -22.33 -6.84
CA GLU H 20 -12.94 -20.91 -6.64
C GLU H 20 -14.23 -20.16 -6.98
N LYS H 21 -14.91 -20.57 -8.05
CA LYS H 21 -16.15 -19.92 -8.47
C LYS H 21 -17.24 -20.11 -7.42
N MET H 22 -17.30 -21.29 -6.80
CA MET H 22 -18.25 -21.52 -5.73
C MET H 22 -17.91 -20.64 -4.52
N ALA H 23 -16.62 -20.55 -4.17
CA ALA H 23 -16.22 -19.71 -3.05
C ALA H 23 -16.57 -18.23 -3.33
N ARG H 24 -16.36 -17.79 -4.58
CA ARG H 24 -16.68 -16.42 -4.97
C ARG H 24 -18.18 -16.14 -4.77
N LEU H 25 -19.02 -17.07 -5.21
CA LEU H 25 -20.46 -16.90 -5.11
C LEU H 25 -20.87 -16.84 -3.65
N ARG H 26 -20.27 -17.73 -2.84
CA ARG H 26 -20.56 -17.80 -1.42
C ARG H 26 -20.19 -16.47 -0.74
N TYR H 27 -19.02 -15.92 -1.07
CA TYR H 27 -18.64 -14.62 -0.55
C TYR H 27 -19.71 -13.59 -0.92
N MET H 28 -20.17 -13.60 -2.18
CA MET H 28 -21.15 -12.62 -2.62
C MET H 28 -22.49 -12.81 -1.87
N LEU H 29 -22.83 -14.04 -1.48
CA LEU H 29 -24.11 -14.29 -0.86
C LEU H 29 -24.12 -14.00 0.65
N LEU H 30 -22.93 -13.95 1.26
CA LEU H 30 -22.85 -13.49 2.65
C LEU H 30 -23.08 -11.97 2.75
N GLY H 31 -22.91 -11.24 1.63
CA GLY H 31 -23.06 -9.79 1.60
C GLY H 31 -24.45 -9.32 1.15
N GLY H 32 -25.18 -10.18 0.42
CA GLY H 32 -26.61 -10.01 0.24
C GLY H 32 -27.34 -10.04 1.58
N VAL H 33 -26.72 -10.73 2.54
CA VAL H 33 -27.00 -10.61 3.96
C VAL H 33 -26.23 -9.40 4.53
#